data_1VFU
#
_entry.id   1VFU
#
_cell.length_a   113.454
_cell.length_b   118.496
_cell.length_c   114.080
_cell.angle_alpha   90.00
_cell.angle_beta   90.00
_cell.angle_gamma   90.00
#
_symmetry.space_group_name_H-M   'P 21 21 21'
#
loop_
_entity.id
_entity.type
_entity.pdbx_description
1 polymer 'Neopullulanase 2'
2 branched Cyclooctakis-(1-4)-(alpha-D-glucopyranose)
3 non-polymer 'CALCIUM ION'
4 water water
#
_entity_poly.entity_id   1
_entity_poly.type   'polypeptide(L)'
_entity_poly.pdbx_seq_one_letter_code
;MLLEAIFHEAKGSYAYPISETQLRVRLRAKKGDVVRCEVLYADRYASPEEELAHALAGKAGSDERFDYFEALLECSTKRV
KYVFLLTGPQGEAVYFGETGFSAERSKAGVFQYAYIHRSEVFTTPEWAKEAVIYQIFPERFANGDPSNDPPGTEQWAKDA
RPRHDSFYGGDLKGVIDRLPYLEELGVTALYFTPIFASPSHHKYDTADYLAIDPQFGDLPTFRRLVDEAHRRGIKIILDA
VFNHAGDQFFAFRDVLQKGEQSRYKDWFFIEDFPVSKTSRTNYETFAVQVPAMPKLRTENPEVKEYLFDVARFWMEQGID
GWRLNVANEVDHAFWREFRRLVKSLNPDALIVGEIWHDASGWLMGDQFDSVMNYLFRESVIRFFATGEIHAERFDAELTR
ARMLYPEQAAQGLWNLLDSHNTERFLTSCGGNEAKFRLAVLFQMTYLGTPLIYYGDEIGMAGATDPDCRRPMIWEEKEQN
RGLFEFYKELIRLRHRLASLTRGNVRSWHADKQANLYAFVRTVQDQHVGVVLNNRGEKQTVLLQVPESGGKTWLDCLTGE
EVHGKQGQLKLTLRPYQGMILWNGR
;
_entity_poly.pdbx_strand_id   A,B
#
loop_
_chem_comp.id
_chem_comp.type
_chem_comp.name
_chem_comp.formula
CA non-polymer 'CALCIUM ION' 'Ca 2'
GLC D-saccharide, alpha linking alpha-D-glucopyranose 'C6 H12 O6'
#
# COMPACT_ATOMS: atom_id res chain seq x y z
N MET A 1 -8.41 -23.90 -16.34
CA MET A 1 -8.52 -23.23 -15.01
C MET A 1 -8.82 -21.73 -15.10
N LEU A 2 -9.87 -21.30 -14.42
CA LEU A 2 -10.32 -19.90 -14.40
C LEU A 2 -9.19 -18.94 -14.03
N LEU A 3 -8.50 -18.37 -15.04
CA LEU A 3 -7.39 -17.45 -14.76
C LEU A 3 -7.83 -16.08 -14.24
N GLU A 4 -9.08 -15.72 -14.46
CA GLU A 4 -9.58 -14.45 -13.98
C GLU A 4 -9.51 -14.47 -12.46
N ALA A 5 -9.73 -15.65 -11.90
CA ALA A 5 -9.72 -15.85 -10.45
C ALA A 5 -8.34 -16.13 -9.84
N ILE A 6 -7.26 -15.89 -10.57
CA ILE A 6 -5.93 -16.12 -10.03
C ILE A 6 -5.27 -14.77 -9.67
N PHE A 7 -4.63 -14.69 -8.50
CA PHE A 7 -4.06 -13.43 -8.05
C PHE A 7 -2.64 -13.35 -7.52
N HIS A 8 -2.05 -12.16 -7.65
CA HIS A 8 -0.74 -11.84 -7.14
C HIS A 8 -0.34 -10.41 -7.49
N GLU A 9 0.47 -9.81 -6.63
CA GLU A 9 0.94 -8.44 -6.82
C GLU A 9 2.30 -8.32 -6.12
N ALA A 10 3.30 -7.80 -6.82
CA ALA A 10 4.63 -7.67 -6.25
C ALA A 10 4.65 -6.74 -5.04
N LYS A 11 3.77 -6.99 -4.07
CA LYS A 11 3.74 -6.14 -2.88
C LYS A 11 2.78 -6.57 -1.77
N GLY A 12 2.77 -5.73 -0.73
CA GLY A 12 1.91 -5.94 0.43
C GLY A 12 1.91 -7.34 1.03
N SER A 13 0.75 -7.97 0.98
CA SER A 13 0.57 -9.28 1.57
C SER A 13 0.85 -10.39 0.58
N TYR A 14 1.46 -10.07 -0.54
CA TYR A 14 1.73 -11.11 -1.52
C TYR A 14 3.17 -11.11 -2.00
N ALA A 15 3.94 -10.13 -1.55
CA ALA A 15 5.34 -10.03 -1.92
C ALA A 15 6.11 -9.09 -1.00
N TYR A 16 6.71 -9.68 0.04
CA TYR A 16 7.51 -8.94 1.02
C TYR A 16 8.76 -9.74 1.36
N PRO A 17 9.82 -9.06 1.83
CA PRO A 17 11.05 -9.75 2.20
C PRO A 17 11.01 -10.19 3.66
N ILE A 18 11.56 -11.36 3.95
CA ILE A 18 11.59 -11.81 5.33
C ILE A 18 12.98 -11.58 5.90
N SER A 19 13.83 -10.94 5.10
CA SER A 19 15.20 -10.61 5.46
C SER A 19 15.72 -9.74 4.32
N GLU A 20 17.00 -9.36 4.33
CA GLU A 20 17.50 -8.50 3.25
C GLU A 20 17.96 -9.26 2.01
N THR A 21 17.71 -10.57 1.97
CA THR A 21 18.13 -11.36 0.82
C THR A 21 17.07 -12.36 0.40
N GLN A 22 16.10 -12.60 1.27
CA GLN A 22 15.04 -13.56 1.00
C GLN A 22 13.73 -12.81 0.70
N LEU A 23 12.94 -13.34 -0.23
CA LEU A 23 11.68 -12.70 -0.57
C LEU A 23 10.50 -13.65 -0.66
N ARG A 24 9.49 -13.36 0.16
CA ARG A 24 8.28 -14.14 0.24
C ARG A 24 7.30 -13.79 -0.88
N VAL A 25 6.65 -14.80 -1.44
CA VAL A 25 5.67 -14.60 -2.49
C VAL A 25 4.47 -15.51 -2.27
N ARG A 26 3.28 -14.92 -2.26
CA ARG A 26 2.04 -15.67 -2.08
C ARG A 26 1.24 -15.46 -3.35
N LEU A 27 0.45 -16.45 -3.74
CA LEU A 27 -0.36 -16.34 -4.93
C LEU A 27 -1.62 -17.10 -4.64
N ARG A 28 -2.75 -16.63 -5.15
CA ARG A 28 -3.98 -17.35 -4.92
C ARG A 28 -4.77 -17.59 -6.20
N ALA A 29 -5.68 -18.55 -6.12
CA ALA A 29 -6.54 -18.93 -7.22
C ALA A 29 -7.70 -19.73 -6.64
N LYS A 30 -8.70 -20.00 -7.47
CA LYS A 30 -9.87 -20.75 -7.02
C LYS A 30 -9.46 -22.07 -6.37
N LYS A 31 -10.28 -22.51 -5.41
CA LYS A 31 -10.02 -23.76 -4.71
C LYS A 31 -10.29 -24.91 -5.68
N GLY A 32 -9.22 -25.56 -6.12
CA GLY A 32 -9.35 -26.67 -7.05
C GLY A 32 -8.51 -26.42 -8.28
N ASP A 33 -8.76 -25.28 -8.93
CA ASP A 33 -8.05 -24.89 -10.13
C ASP A 33 -6.56 -25.17 -10.21
N VAL A 34 -5.81 -24.84 -9.18
CA VAL A 34 -4.37 -25.07 -9.25
C VAL A 34 -3.89 -26.25 -8.42
N VAL A 35 -2.97 -27.03 -8.98
CA VAL A 35 -2.40 -28.19 -8.30
C VAL A 35 -0.95 -27.91 -7.95
N ARG A 36 -0.18 -27.53 -8.95
CA ARG A 36 1.23 -27.22 -8.74
C ARG A 36 1.46 -25.78 -9.15
N CYS A 37 2.30 -25.09 -8.40
CA CYS A 37 2.58 -23.70 -8.69
C CYS A 37 4.04 -23.45 -8.36
N GLU A 38 4.91 -23.45 -9.36
CA GLU A 38 6.31 -23.20 -9.09
C GLU A 38 6.72 -21.82 -9.58
N VAL A 39 7.62 -21.19 -8.85
CA VAL A 39 8.10 -19.87 -9.19
C VAL A 39 9.50 -19.88 -9.79
N LEU A 40 9.61 -19.35 -11.00
CA LEU A 40 10.87 -19.26 -11.72
C LEU A 40 11.33 -17.81 -11.64
N TYR A 41 12.55 -17.59 -11.16
CA TYR A 41 13.09 -16.24 -11.03
C TYR A 41 14.53 -16.09 -11.47
N ALA A 42 15.08 -14.88 -11.29
CA ALA A 42 16.46 -14.56 -11.65
C ALA A 42 16.71 -13.09 -11.35
N ASP A 43 17.97 -12.72 -11.11
CA ASP A 43 18.29 -11.32 -10.84
C ASP A 43 17.75 -10.49 -11.98
N ARG A 44 17.12 -9.37 -11.68
CA ARG A 44 16.53 -8.51 -12.70
C ARG A 44 17.45 -8.20 -13.87
N TYR A 45 18.57 -7.54 -13.60
CA TYR A 45 19.51 -7.20 -14.65
C TYR A 45 20.16 -8.41 -15.33
N ALA A 46 20.03 -9.59 -14.72
CA ALA A 46 20.62 -10.81 -15.28
C ALA A 46 20.44 -10.89 -16.79
N SER A 47 21.48 -11.36 -17.48
CA SER A 47 21.47 -11.49 -18.95
C SER A 47 20.45 -12.53 -19.41
N PRO A 48 19.68 -12.21 -20.47
CA PRO A 48 18.66 -13.12 -21.01
C PRO A 48 19.15 -14.53 -21.31
N GLU A 49 20.35 -14.63 -21.89
CA GLU A 49 20.96 -15.92 -22.22
C GLU A 49 21.61 -16.57 -21.01
N GLU A 50 20.86 -16.64 -19.92
CA GLU A 50 21.34 -17.23 -18.67
C GLU A 50 20.25 -18.14 -18.12
N GLU A 51 20.50 -18.75 -16.97
CA GLU A 51 19.51 -19.64 -16.37
C GLU A 51 18.71 -19.02 -15.23
N LEU A 52 17.44 -19.43 -15.15
CA LEU A 52 16.52 -18.95 -14.12
C LEU A 52 16.61 -19.88 -12.93
N ALA A 53 16.16 -19.41 -11.77
CA ALA A 53 16.16 -20.21 -10.56
C ALA A 53 14.78 -20.81 -10.38
N HIS A 54 14.67 -21.82 -9.52
CA HIS A 54 13.39 -22.45 -9.28
C HIS A 54 13.03 -22.44 -7.81
N ALA A 55 11.79 -22.81 -7.51
CA ALA A 55 11.30 -22.82 -6.14
C ALA A 55 9.85 -23.25 -6.16
N LEU A 56 9.54 -24.33 -5.45
CA LEU A 56 8.18 -24.82 -5.41
C LEU A 56 7.34 -24.08 -4.35
N ALA A 57 6.31 -23.40 -4.82
CA ALA A 57 5.41 -22.65 -3.94
C ALA A 57 4.45 -23.61 -3.24
N GLY A 58 4.68 -23.84 -1.96
CA GLY A 58 3.83 -24.75 -1.22
C GLY A 58 2.46 -24.22 -0.89
N LYS A 59 1.47 -25.10 -1.03
CA LYS A 59 0.07 -24.80 -0.73
C LYS A 59 -0.01 -24.57 0.78
N ALA A 60 -0.03 -23.29 1.17
CA ALA A 60 -0.07 -22.92 2.59
C ALA A 60 -1.45 -23.01 3.25
N GLY A 61 -2.52 -22.94 2.49
CA GLY A 61 -3.83 -23.03 3.10
C GLY A 61 -4.98 -22.78 2.14
N SER A 62 -6.20 -23.01 2.62
CA SER A 62 -7.38 -22.84 1.79
C SER A 62 -8.57 -22.41 2.60
N ASP A 63 -9.17 -21.28 2.22
CA ASP A 63 -10.37 -20.78 2.90
C ASP A 63 -11.61 -21.29 2.16
N GLU A 64 -12.71 -20.56 2.24
CA GLU A 64 -13.93 -21.04 1.61
C GLU A 64 -14.07 -20.87 0.10
N ARG A 65 -13.01 -20.44 -0.59
CA ARG A 65 -13.07 -20.24 -2.04
C ARG A 65 -11.73 -20.23 -2.72
N PHE A 66 -10.66 -20.01 -1.97
CA PHE A 66 -9.35 -19.96 -2.60
C PHE A 66 -8.37 -20.98 -2.04
N ASP A 67 -7.26 -21.15 -2.77
CA ASP A 67 -6.17 -22.01 -2.36
C ASP A 67 -4.99 -21.05 -2.33
N TYR A 68 -4.19 -21.09 -1.29
CA TYR A 68 -3.04 -20.19 -1.20
C TYR A 68 -1.72 -20.94 -1.36
N PHE A 69 -0.83 -20.39 -2.16
CA PHE A 69 0.46 -21.02 -2.38
C PHE A 69 1.51 -20.04 -1.91
N GLU A 70 2.59 -20.56 -1.33
CA GLU A 70 3.64 -19.71 -0.81
C GLU A 70 5.03 -20.32 -1.04
N ALA A 71 5.97 -19.51 -1.50
CA ALA A 71 7.33 -19.99 -1.77
C ALA A 71 8.36 -18.91 -1.51
N LEU A 72 9.52 -19.33 -1.01
CA LEU A 72 10.59 -18.39 -0.69
C LEU A 72 11.64 -18.33 -1.81
N LEU A 73 11.97 -17.10 -2.21
CA LEU A 73 12.92 -16.84 -3.27
C LEU A 73 14.24 -16.32 -2.71
N GLU A 74 15.33 -16.97 -3.07
CA GLU A 74 16.66 -16.58 -2.60
C GLU A 74 17.20 -15.53 -3.56
N CYS A 75 17.52 -14.35 -3.05
CA CYS A 75 18.06 -13.26 -3.86
C CYS A 75 19.41 -12.84 -3.33
N SER A 76 20.49 -13.46 -3.81
CA SER A 76 21.84 -13.12 -3.35
C SER A 76 22.07 -11.61 -3.48
N THR A 77 21.48 -11.01 -4.51
CA THR A 77 21.56 -9.57 -4.69
C THR A 77 20.19 -9.15 -4.15
N LYS A 78 19.99 -7.87 -3.83
CA LYS A 78 18.69 -7.49 -3.31
C LYS A 78 17.69 -7.18 -4.42
N ARG A 79 18.10 -7.44 -5.65
CA ARG A 79 17.27 -7.20 -6.82
C ARG A 79 16.76 -8.54 -7.34
N VAL A 80 15.54 -8.57 -7.88
CA VAL A 80 14.98 -9.81 -8.41
C VAL A 80 13.72 -9.60 -9.25
N LYS A 81 13.46 -10.58 -10.12
CA LYS A 81 12.30 -10.59 -10.99
C LYS A 81 11.80 -12.03 -10.93
N TYR A 82 10.62 -12.31 -11.48
CA TYR A 82 10.11 -13.68 -11.43
C TYR A 82 8.77 -13.90 -12.10
N VAL A 83 8.55 -15.12 -12.62
CA VAL A 83 7.29 -15.45 -13.27
C VAL A 83 6.78 -16.75 -12.68
N PHE A 84 5.47 -16.96 -12.72
CA PHE A 84 4.88 -18.17 -12.17
C PHE A 84 4.62 -19.23 -13.23
N LEU A 85 4.36 -20.46 -12.77
CA LEU A 85 4.08 -21.60 -13.62
C LEU A 85 3.00 -22.45 -12.93
N LEU A 86 1.75 -22.10 -13.19
CA LEU A 86 0.62 -22.77 -12.57
C LEU A 86 0.08 -23.95 -13.38
N THR A 87 0.03 -25.11 -12.74
CA THR A 87 -0.47 -26.32 -13.40
C THR A 87 -1.86 -26.67 -12.90
N GLY A 88 -2.64 -27.32 -13.75
CA GLY A 88 -4.00 -27.69 -13.37
C GLY A 88 -4.24 -29.17 -13.20
N PRO A 89 -5.49 -29.60 -13.01
CA PRO A 89 -5.87 -31.01 -12.84
C PRO A 89 -5.45 -31.89 -14.01
N GLN A 90 -5.14 -31.28 -15.15
CA GLN A 90 -4.74 -32.02 -16.33
C GLN A 90 -3.37 -31.58 -16.84
N GLY A 91 -2.42 -31.50 -15.92
CA GLY A 91 -1.06 -31.12 -16.27
C GLY A 91 -0.88 -30.05 -17.34
N GLU A 92 -1.88 -29.19 -17.52
CA GLU A 92 -1.78 -28.13 -18.52
C GLU A 92 -1.31 -26.84 -17.88
N ALA A 93 0.01 -26.69 -17.79
CA ALA A 93 0.62 -25.51 -17.20
C ALA A 93 0.21 -24.22 -17.89
N VAL A 94 0.63 -23.11 -17.30
CA VAL A 94 0.34 -21.77 -17.78
C VAL A 94 1.38 -20.90 -17.11
N TYR A 95 1.73 -19.78 -17.73
CA TYR A 95 2.69 -18.88 -17.12
C TYR A 95 1.98 -17.60 -16.69
N PHE A 96 2.25 -17.17 -15.46
CA PHE A 96 1.62 -15.98 -14.92
C PHE A 96 2.67 -14.91 -14.64
N GLY A 97 2.46 -13.73 -15.21
CA GLY A 97 3.39 -12.64 -15.02
C GLY A 97 2.78 -11.25 -15.15
N GLU A 98 3.59 -10.22 -14.86
CA GLU A 98 3.14 -8.83 -14.91
C GLU A 98 2.39 -8.44 -16.18
N THR A 99 2.47 -9.26 -17.23
CA THR A 99 1.81 -8.93 -18.48
C THR A 99 0.50 -9.68 -18.75
N GLY A 100 0.28 -10.80 -18.06
CA GLY A 100 -0.93 -11.58 -18.26
C GLY A 100 -0.61 -13.05 -18.30
N PHE A 101 -1.59 -13.88 -18.67
CA PHE A 101 -1.35 -15.32 -18.73
C PHE A 101 -1.00 -15.78 -20.14
N SER A 102 0.05 -16.59 -20.25
CA SER A 102 0.51 -17.10 -21.55
C SER A 102 1.23 -18.42 -21.43
N ALA A 103 1.14 -19.23 -22.48
CA ALA A 103 1.79 -20.54 -22.51
C ALA A 103 3.31 -20.40 -22.53
N GLU A 104 3.80 -19.43 -23.29
CA GLU A 104 5.25 -19.22 -23.40
C GLU A 104 5.80 -18.28 -22.34
N ARG A 105 6.67 -18.82 -21.50
CA ARG A 105 7.28 -18.07 -20.41
C ARG A 105 7.41 -16.57 -20.70
N SER A 106 8.02 -16.24 -21.83
CA SER A 106 8.23 -14.85 -22.23
C SER A 106 6.93 -14.08 -22.38
N LYS A 107 6.02 -14.59 -23.20
CA LYS A 107 4.74 -13.91 -23.41
C LYS A 107 3.98 -13.71 -22.12
N ALA A 108 4.45 -14.34 -21.05
CA ALA A 108 3.78 -14.21 -19.75
C ALA A 108 4.16 -12.94 -19.01
N GLY A 109 5.40 -12.50 -19.17
CA GLY A 109 5.86 -11.32 -18.48
C GLY A 109 6.61 -11.73 -17.23
N VAL A 110 6.93 -10.78 -16.36
CA VAL A 110 7.67 -11.10 -15.15
C VAL A 110 7.52 -10.03 -14.06
N PHE A 111 6.98 -10.43 -12.90
CA PHE A 111 6.82 -9.52 -11.76
C PHE A 111 8.19 -9.02 -11.32
N GLN A 112 8.25 -7.91 -10.59
CA GLN A 112 9.55 -7.39 -10.18
C GLN A 112 9.61 -6.74 -8.80
N TYR A 113 10.63 -7.09 -8.02
CA TYR A 113 10.83 -6.49 -6.70
C TYR A 113 12.13 -5.69 -6.79
N ALA A 114 12.02 -4.51 -7.38
CA ALA A 114 13.14 -3.61 -7.58
C ALA A 114 14.33 -3.88 -6.69
N TYR A 115 14.19 -3.57 -5.41
CA TYR A 115 15.28 -3.76 -4.46
C TYR A 115 14.77 -4.01 -3.03
N ILE A 116 15.54 -4.75 -2.24
CA ILE A 116 15.13 -5.04 -0.88
C ILE A 116 15.99 -4.26 0.12
N HIS A 117 15.56 -3.06 0.48
CA HIS A 117 16.30 -2.25 1.45
C HIS A 117 16.20 -2.79 2.88
N ARG A 118 17.33 -3.07 3.50
CA ARG A 118 17.37 -3.60 4.86
C ARG A 118 16.43 -2.87 5.81
N SER A 119 16.26 -1.57 5.60
CA SER A 119 15.40 -0.77 6.48
C SER A 119 13.93 -0.99 6.25
N GLU A 120 13.58 -1.75 5.23
CA GLU A 120 12.18 -2.03 4.91
C GLU A 120 11.81 -3.49 5.11
N VAL A 121 12.52 -4.17 6.01
CA VAL A 121 12.22 -5.56 6.31
C VAL A 121 11.39 -5.51 7.58
N PHE A 122 10.16 -6.01 7.52
CA PHE A 122 9.27 -5.97 8.67
C PHE A 122 9.91 -6.60 9.90
N THR A 123 10.21 -5.77 10.90
CA THR A 123 10.86 -6.28 12.10
C THR A 123 10.21 -5.88 13.43
N THR A 124 9.74 -6.90 14.14
CA THR A 124 9.05 -6.71 15.40
C THR A 124 9.87 -7.19 16.60
N PRO A 125 9.61 -6.61 17.78
CA PRO A 125 10.32 -6.97 19.01
C PRO A 125 10.40 -8.47 19.23
N GLU A 126 11.49 -8.91 19.83
CA GLU A 126 11.71 -10.32 20.08
C GLU A 126 10.90 -10.89 21.22
N TRP A 127 10.68 -10.10 22.27
CA TRP A 127 9.90 -10.58 23.39
C TRP A 127 8.48 -10.71 22.91
N ALA A 128 8.06 -9.77 22.06
CA ALA A 128 6.73 -9.75 21.48
C ALA A 128 6.44 -11.08 20.84
N LYS A 129 7.38 -11.59 20.07
CA LYS A 129 7.18 -12.86 19.39
C LYS A 129 6.70 -14.04 20.27
N GLU A 130 7.21 -14.15 21.49
CA GLU A 130 6.79 -15.24 22.36
C GLU A 130 5.94 -14.82 23.55
N ALA A 131 5.31 -13.65 23.49
CA ALA A 131 4.52 -13.18 24.61
C ALA A 131 3.31 -14.01 25.02
N VAL A 132 2.54 -13.39 25.91
CA VAL A 132 1.30 -13.91 26.52
C VAL A 132 0.96 -12.74 27.44
N ILE A 133 -0.01 -11.91 27.04
CA ILE A 133 -0.30 -10.76 27.87
C ILE A 133 -1.63 -10.76 28.61
N TYR A 134 -1.68 -9.94 29.64
CA TYR A 134 -2.84 -9.85 30.54
C TYR A 134 -3.48 -8.45 30.55
N GLN A 135 -4.64 -8.32 29.91
CA GLN A 135 -5.33 -7.04 29.87
C GLN A 135 -5.87 -6.66 31.25
N ILE A 136 -5.49 -5.48 31.72
CA ILE A 136 -5.93 -5.01 33.02
C ILE A 136 -6.78 -3.74 33.02
N PHE A 137 -7.94 -3.84 33.66
CA PHE A 137 -8.89 -2.74 33.79
C PHE A 137 -8.63 -2.29 35.23
N PRO A 138 -7.62 -1.42 35.42
CA PRO A 138 -7.17 -0.87 36.71
C PRO A 138 -8.19 -0.75 37.82
N GLU A 139 -9.34 -0.18 37.49
CA GLU A 139 -10.41 0.04 38.46
C GLU A 139 -11.02 -1.22 39.03
N ARG A 140 -11.03 -2.30 38.27
CA ARG A 140 -11.62 -3.55 38.75
C ARG A 140 -10.66 -4.68 39.11
N PHE A 141 -9.36 -4.42 39.09
CA PHE A 141 -8.40 -5.47 39.39
C PHE A 141 -8.11 -5.67 40.86
N ALA A 142 -7.43 -4.70 41.47
CA ALA A 142 -7.09 -4.78 42.89
C ALA A 142 -6.92 -3.40 43.49
N ASN A 143 -7.47 -3.22 44.68
CA ASN A 143 -7.38 -1.94 45.39
C ASN A 143 -6.31 -2.12 46.48
N GLY A 144 -5.15 -1.49 46.29
CA GLY A 144 -4.10 -1.64 47.27
C GLY A 144 -3.94 -0.44 48.19
N ASP A 145 -4.69 0.62 47.89
CA ASP A 145 -4.65 1.85 48.67
C ASP A 145 -6.00 2.53 48.72
N PRO A 146 -6.83 2.18 49.72
CA PRO A 146 -8.18 2.71 49.93
C PRO A 146 -8.29 4.22 50.20
N SER A 147 -7.17 4.91 50.26
CA SER A 147 -7.23 6.34 50.51
C SER A 147 -7.63 7.02 49.21
N ASN A 148 -6.97 6.68 48.11
CA ASN A 148 -7.25 7.26 46.81
C ASN A 148 -8.64 6.98 46.26
N ASP A 149 -9.41 6.10 46.90
CA ASP A 149 -10.75 5.79 46.41
C ASP A 149 -11.64 7.01 46.19
N PRO A 150 -12.46 6.99 45.14
CA PRO A 150 -13.35 8.12 44.88
C PRO A 150 -14.51 7.97 45.86
N PRO A 151 -15.29 9.03 46.09
CA PRO A 151 -16.41 8.94 47.02
C PRO A 151 -17.38 7.79 46.70
N GLY A 152 -18.18 7.42 47.69
CA GLY A 152 -19.16 6.35 47.52
C GLY A 152 -18.70 5.11 46.78
N THR A 153 -17.43 4.80 46.88
CA THR A 153 -16.87 3.63 46.22
C THR A 153 -17.44 2.32 46.77
N GLU A 154 -18.55 1.86 46.18
CA GLU A 154 -19.22 0.62 46.58
C GLU A 154 -18.26 -0.49 47.05
N GLN A 155 -18.74 -1.35 47.95
CA GLN A 155 -17.91 -2.43 48.51
C GLN A 155 -17.47 -3.49 47.53
N TRP A 156 -16.25 -3.98 47.74
CA TRP A 156 -15.62 -4.98 46.88
C TRP A 156 -16.01 -6.42 47.20
N ALA A 157 -17.10 -6.91 46.62
CA ALA A 157 -17.55 -8.27 46.88
C ALA A 157 -17.79 -9.12 45.62
N LYS A 158 -17.68 -10.45 45.78
CA LYS A 158 -17.89 -11.36 44.66
C LYS A 158 -19.37 -11.40 44.33
N ASP A 159 -20.17 -10.73 45.15
CA ASP A 159 -21.62 -10.71 44.94
C ASP A 159 -22.02 -9.44 44.20
N ALA A 160 -21.03 -8.61 43.90
CA ALA A 160 -21.29 -7.37 43.21
C ALA A 160 -21.73 -7.66 41.77
N ARG A 161 -22.50 -6.72 41.23
CA ARG A 161 -23.02 -6.79 39.87
C ARG A 161 -23.14 -5.33 39.46
N PRO A 162 -21.99 -4.64 39.33
CA PRO A 162 -21.88 -3.23 38.96
C PRO A 162 -22.73 -2.75 37.80
N ARG A 163 -23.13 -1.49 37.88
CA ARG A 163 -23.90 -0.87 36.81
C ARG A 163 -23.04 0.26 36.32
N HIS A 164 -23.52 0.90 35.26
CA HIS A 164 -22.85 2.02 34.64
C HIS A 164 -22.29 3.09 35.60
N ASP A 165 -22.63 3.06 36.90
CA ASP A 165 -22.12 4.10 37.80
C ASP A 165 -21.10 3.65 38.84
N SER A 166 -21.04 2.36 39.10
CA SER A 166 -20.13 1.87 40.12
C SER A 166 -18.67 2.38 40.09
N PHE A 167 -18.04 2.25 41.25
CA PHE A 167 -16.66 2.61 41.50
C PHE A 167 -16.23 1.59 42.56
N TYR A 168 -14.99 1.13 42.53
CA TYR A 168 -14.52 0.14 43.51
C TYR A 168 -13.14 0.43 44.06
N GLY A 169 -12.55 1.52 43.57
CA GLY A 169 -11.24 1.92 44.06
C GLY A 169 -10.05 1.18 43.49
N GLY A 170 -10.25 0.45 42.40
CA GLY A 170 -9.14 -0.26 41.81
C GLY A 170 -8.03 0.74 41.54
N ASP A 171 -6.79 0.37 41.85
CA ASP A 171 -5.67 1.28 41.65
C ASP A 171 -4.40 0.57 41.22
N LEU A 172 -3.35 1.37 41.05
CA LEU A 172 -2.05 0.87 40.66
C LEU A 172 -1.39 0.12 41.81
N LYS A 173 -1.58 0.63 43.04
CA LYS A 173 -0.97 0.00 44.21
C LYS A 173 -1.30 -1.49 44.28
N GLY A 174 -2.58 -1.81 44.18
CA GLY A 174 -3.01 -3.19 44.25
C GLY A 174 -2.38 -4.02 43.14
N VAL A 175 -2.31 -3.43 41.95
CA VAL A 175 -1.72 -4.11 40.82
C VAL A 175 -0.32 -4.53 41.23
N ILE A 176 0.36 -3.69 41.99
CA ILE A 176 1.71 -4.02 42.43
C ILE A 176 1.69 -5.17 43.41
N ASP A 177 0.76 -5.09 44.36
CA ASP A 177 0.60 -6.12 45.39
C ASP A 177 0.24 -7.46 44.80
N ARG A 178 -0.26 -7.46 43.57
CA ARG A 178 -0.64 -8.72 42.91
C ARG A 178 0.39 -9.19 41.90
N LEU A 179 1.48 -8.44 41.74
CA LEU A 179 2.51 -8.84 40.80
C LEU A 179 2.90 -10.33 40.99
N PRO A 180 2.98 -10.79 42.26
CA PRO A 180 3.32 -12.17 42.57
C PRO A 180 2.40 -13.16 41.87
N TYR A 181 1.09 -12.96 42.00
CA TYR A 181 0.06 -13.80 41.35
C TYR A 181 0.25 -13.78 39.83
N LEU A 182 0.33 -12.56 39.30
CA LEU A 182 0.51 -12.35 37.88
C LEU A 182 1.71 -13.16 37.43
N GLU A 183 2.82 -12.97 38.12
CA GLU A 183 4.04 -13.68 37.80
C GLU A 183 3.82 -15.18 37.84
N GLU A 184 3.06 -15.64 38.82
CA GLU A 184 2.78 -17.08 38.95
C GLU A 184 2.00 -17.63 37.76
N LEU A 185 1.06 -16.85 37.25
CA LEU A 185 0.25 -17.24 36.11
C LEU A 185 1.14 -17.49 34.92
N GLY A 186 2.12 -16.62 34.75
CA GLY A 186 3.05 -16.77 33.64
C GLY A 186 2.93 -15.71 32.56
N VAL A 187 2.21 -14.64 32.84
CA VAL A 187 2.05 -13.57 31.86
C VAL A 187 3.38 -12.83 31.78
N THR A 188 3.66 -12.25 30.63
CA THR A 188 4.94 -11.56 30.44
C THR A 188 4.74 -10.09 30.11
N ALA A 189 3.52 -9.61 30.33
CA ALA A 189 3.18 -8.20 30.07
C ALA A 189 1.77 -7.87 30.54
N LEU A 190 1.54 -6.60 30.85
CA LEU A 190 0.24 -6.15 31.27
C LEU A 190 -0.15 -4.97 30.39
N TYR A 191 -1.21 -5.15 29.63
CA TYR A 191 -1.71 -4.11 28.77
C TYR A 191 -2.78 -3.46 29.62
N PHE A 192 -2.63 -2.17 29.91
CA PHE A 192 -3.62 -1.48 30.72
C PHE A 192 -4.53 -0.71 29.81
N THR A 193 -5.70 -0.36 30.32
CA THR A 193 -6.60 0.47 29.54
C THR A 193 -6.14 1.89 29.94
N PRO A 194 -6.91 2.93 29.61
CA PRO A 194 -6.41 4.26 30.00
C PRO A 194 -6.24 4.44 31.50
N ILE A 195 -5.21 5.19 31.90
CA ILE A 195 -4.92 5.46 33.32
C ILE A 195 -4.52 6.92 33.62
N PHE A 196 -4.53 7.77 32.60
CA PHE A 196 -4.17 9.17 32.77
C PHE A 196 -5.34 9.97 33.36
N ALA A 197 -5.04 11.17 33.87
CA ALA A 197 -6.04 12.04 34.47
C ALA A 197 -7.29 12.26 33.63
N SER A 198 -8.44 11.87 34.16
CA SER A 198 -9.70 12.01 33.45
C SER A 198 -10.86 12.00 34.45
N PRO A 199 -11.94 12.75 34.17
CA PRO A 199 -13.12 12.82 35.05
C PRO A 199 -13.96 11.56 35.02
N SER A 200 -14.29 11.10 33.81
CA SER A 200 -15.10 9.91 33.62
C SER A 200 -14.60 8.75 34.46
N HIS A 201 -15.33 7.65 34.34
CA HIS A 201 -15.00 6.44 35.07
C HIS A 201 -14.18 5.45 34.20
N HIS A 202 -14.11 5.70 32.89
CA HIS A 202 -13.35 4.84 32.00
C HIS A 202 -12.00 5.45 31.66
N LYS A 203 -11.94 6.77 31.74
CA LYS A 203 -10.69 7.51 31.47
C LYS A 203 -10.30 7.54 29.99
N TYR A 204 -11.30 7.51 29.12
CA TYR A 204 -11.03 7.55 27.69
C TYR A 204 -11.02 8.99 27.18
N ASP A 205 -11.49 9.91 28.02
CA ASP A 205 -11.51 11.32 27.67
C ASP A 205 -10.41 12.03 28.47
N THR A 206 -9.17 11.80 28.05
CA THR A 206 -7.99 12.37 28.66
C THR A 206 -8.14 13.81 29.11
N ALA A 207 -7.77 14.07 30.36
CA ALA A 207 -7.83 15.42 30.94
C ALA A 207 -6.39 15.94 31.02
N ASP A 208 -5.46 15.01 31.23
CA ASP A 208 -4.05 15.34 31.32
C ASP A 208 -3.15 14.17 30.93
N TYR A 209 -2.87 14.05 29.64
CA TYR A 209 -1.99 12.99 29.15
C TYR A 209 -0.73 12.82 29.99
N LEU A 210 -0.21 13.91 30.54
CA LEU A 210 1.03 13.81 31.31
C LEU A 210 0.93 13.44 32.77
N ALA A 211 -0.24 12.99 33.23
CA ALA A 211 -0.37 12.66 34.64
C ALA A 211 -1.33 11.55 34.93
N ILE A 212 -0.87 10.62 35.75
CA ILE A 212 -1.68 9.48 36.16
C ILE A 212 -2.93 10.01 36.85
N ASP A 213 -4.08 9.45 36.52
CA ASP A 213 -5.29 9.90 37.16
C ASP A 213 -5.08 9.67 38.64
N PRO A 214 -5.53 10.62 39.47
CA PRO A 214 -5.40 10.50 40.91
C PRO A 214 -5.82 9.16 41.47
N GLN A 215 -7.11 8.83 41.37
CA GLN A 215 -7.61 7.59 41.93
C GLN A 215 -6.83 6.30 41.64
N PHE A 216 -5.91 6.32 40.68
CA PHE A 216 -5.13 5.11 40.38
C PHE A 216 -3.73 5.17 41.02
N GLY A 217 -3.14 6.36 41.09
CA GLY A 217 -1.83 6.49 41.69
C GLY A 217 -1.10 7.78 41.33
N ASP A 218 0.23 7.70 41.28
CA ASP A 218 1.07 8.84 40.94
C ASP A 218 2.31 8.39 40.16
N LEU A 219 3.03 9.34 39.58
CA LEU A 219 4.23 9.03 38.80
C LEU A 219 5.17 8.16 39.62
N PRO A 220 5.23 8.36 40.94
CA PRO A 220 6.10 7.56 41.81
C PRO A 220 5.65 6.10 41.83
N THR A 221 4.36 5.89 42.14
CA THR A 221 3.76 4.56 42.19
C THR A 221 3.82 3.89 40.82
N PHE A 222 3.70 4.68 39.75
CA PHE A 222 3.77 4.10 38.42
C PHE A 222 5.16 3.54 38.19
N ARG A 223 6.17 4.37 38.40
CA ARG A 223 7.56 3.94 38.25
C ARG A 223 7.74 2.72 39.14
N ARG A 224 7.09 2.74 40.29
CA ARG A 224 7.16 1.64 41.24
C ARG A 224 6.66 0.39 40.51
N LEU A 225 5.45 0.50 39.94
CA LEU A 225 4.84 -0.61 39.20
C LEU A 225 5.72 -1.05 38.01
N VAL A 226 6.22 -0.08 37.25
CA VAL A 226 7.06 -0.41 36.10
C VAL A 226 8.28 -1.20 36.55
N ASP A 227 8.97 -0.69 37.58
CA ASP A 227 10.17 -1.34 38.11
C ASP A 227 9.86 -2.68 38.75
N GLU A 228 8.78 -2.73 39.51
CA GLU A 228 8.39 -3.97 40.18
C GLU A 228 7.86 -5.03 39.22
N ALA A 229 7.30 -4.59 38.09
CA ALA A 229 6.78 -5.51 37.08
C ALA A 229 7.96 -6.05 36.28
N HIS A 230 8.86 -5.15 35.91
CA HIS A 230 10.03 -5.54 35.14
C HIS A 230 10.87 -6.61 35.81
N ARG A 231 11.35 -6.37 37.02
CA ARG A 231 12.17 -7.38 37.71
C ARG A 231 11.44 -8.70 37.93
N ARG A 232 10.32 -8.87 37.25
CA ARG A 232 9.51 -10.08 37.34
C ARG A 232 9.22 -10.61 35.96
N GLY A 233 9.94 -10.12 34.96
CA GLY A 233 9.73 -10.58 33.60
C GLY A 233 8.44 -10.14 32.92
N ILE A 234 7.78 -9.14 33.50
CA ILE A 234 6.53 -8.63 32.97
C ILE A 234 6.71 -7.21 32.45
N LYS A 235 6.16 -6.94 31.26
CA LYS A 235 6.26 -5.59 30.67
C LYS A 235 4.99 -4.78 30.82
N ILE A 236 5.04 -3.52 30.39
CA ILE A 236 3.89 -2.62 30.54
C ILE A 236 3.44 -1.88 29.27
N ILE A 237 2.30 -2.29 28.71
CA ILE A 237 1.80 -1.62 27.51
C ILE A 237 0.69 -0.67 27.96
N LEU A 238 0.67 0.54 27.41
CA LEU A 238 -0.37 1.50 27.78
C LEU A 238 -1.27 1.95 26.63
N ASP A 239 -2.51 2.30 26.98
CA ASP A 239 -3.52 2.75 26.01
C ASP A 239 -3.33 4.22 25.67
N ALA A 240 -2.94 4.50 24.44
CA ALA A 240 -2.76 5.87 23.99
C ALA A 240 -3.97 6.33 23.19
N VAL A 241 -4.72 7.27 23.73
CA VAL A 241 -5.89 7.77 23.06
C VAL A 241 -5.56 9.06 22.32
N PHE A 242 -5.02 8.92 21.12
CA PHE A 242 -4.63 10.07 20.33
C PHE A 242 -5.72 10.61 19.41
N ASN A 243 -6.62 9.73 18.97
CA ASN A 243 -7.70 10.12 18.08
C ASN A 243 -8.44 11.34 18.59
N HIS A 244 -8.89 11.28 19.83
CA HIS A 244 -9.60 12.38 20.45
C HIS A 244 -9.06 12.63 21.85
N ALA A 245 -9.50 13.73 22.46
CA ALA A 245 -9.08 14.14 23.80
C ALA A 245 -10.28 14.35 24.71
N GLY A 246 -10.01 14.73 25.97
CA GLY A 246 -11.07 15.00 26.93
C GLY A 246 -11.35 16.49 26.92
N ASP A 247 -12.61 16.88 27.14
CA ASP A 247 -12.96 18.29 27.12
C ASP A 247 -12.32 19.11 28.24
N GLN A 248 -11.51 18.44 29.05
CA GLN A 248 -10.81 19.11 30.15
C GLN A 248 -9.36 19.29 29.73
N PHE A 249 -9.07 18.79 28.54
CA PHE A 249 -7.74 18.90 27.95
C PHE A 249 -7.35 20.36 28.11
N PHE A 250 -6.14 20.63 28.56
CA PHE A 250 -5.76 22.02 28.74
C PHE A 250 -6.01 22.79 27.45
N ALA A 251 -5.45 22.31 26.34
CA ALA A 251 -5.64 22.99 25.06
C ALA A 251 -7.10 23.25 24.74
N PHE A 252 -7.95 22.25 24.84
CA PHE A 252 -9.34 22.45 24.51
C PHE A 252 -10.06 23.48 25.38
N ARG A 253 -10.14 23.21 26.68
CA ARG A 253 -10.83 24.08 27.60
C ARG A 253 -10.46 25.56 27.41
N ASP A 254 -9.30 25.81 26.79
CA ASP A 254 -8.83 27.17 26.53
C ASP A 254 -9.67 27.76 25.39
N VAL A 255 -9.82 26.98 24.33
CA VAL A 255 -10.61 27.37 23.16
C VAL A 255 -12.05 27.65 23.59
N LEU A 256 -12.48 27.04 24.69
CA LEU A 256 -13.81 27.27 25.22
C LEU A 256 -13.78 28.63 25.89
N GLN A 257 -12.61 28.98 26.43
CA GLN A 257 -12.42 30.25 27.10
C GLN A 257 -12.12 31.29 26.03
N LYS A 258 -10.84 31.43 25.67
CA LYS A 258 -10.42 32.39 24.66
C LYS A 258 -11.21 32.36 23.35
N GLY A 259 -11.46 31.17 22.83
CA GLY A 259 -12.19 31.06 21.57
C GLY A 259 -11.24 31.21 20.41
N GLU A 260 -11.66 31.95 19.38
CA GLU A 260 -10.81 32.17 18.21
C GLU A 260 -9.52 32.84 18.61
N GLN A 261 -9.49 33.37 19.82
CA GLN A 261 -8.32 34.07 20.35
C GLN A 261 -7.24 33.11 20.82
N SER A 262 -7.65 31.88 21.13
CA SER A 262 -6.74 30.84 21.61
C SER A 262 -5.69 30.41 20.59
N ARG A 263 -4.49 30.08 21.07
CA ARG A 263 -3.41 29.66 20.20
C ARG A 263 -3.62 28.21 19.81
N TYR A 264 -4.64 27.60 20.39
CA TYR A 264 -4.95 26.20 20.17
C TYR A 264 -6.29 25.96 19.46
N LYS A 265 -6.81 26.99 18.81
CA LYS A 265 -8.08 26.86 18.10
C LYS A 265 -7.95 25.88 16.93
N ASP A 266 -6.78 25.88 16.29
CA ASP A 266 -6.53 24.99 15.16
C ASP A 266 -5.87 23.70 15.63
N TRP A 267 -6.40 23.15 16.72
CA TRP A 267 -5.91 21.92 17.31
C TRP A 267 -7.06 20.93 17.30
N PHE A 268 -8.20 21.40 16.81
CA PHE A 268 -9.39 20.56 16.76
C PHE A 268 -10.18 20.84 15.48
N PHE A 269 -11.21 20.04 15.26
CA PHE A 269 -12.07 20.20 14.09
C PHE A 269 -13.34 20.83 14.62
N ILE A 270 -13.23 22.11 14.95
CA ILE A 270 -14.35 22.85 15.50
C ILE A 270 -15.21 23.47 14.41
N GLU A 271 -16.53 23.44 14.60
CA GLU A 271 -17.46 24.05 13.65
C GLU A 271 -17.20 25.55 13.70
N ASP A 272 -17.98 26.23 14.56
CA ASP A 272 -17.86 27.67 14.77
C ASP A 272 -17.59 27.86 16.27
N PHE A 273 -17.57 29.11 16.72
CA PHE A 273 -17.37 29.44 18.14
C PHE A 273 -18.56 30.33 18.47
N PRO A 274 -19.32 30.05 19.56
CA PRO A 274 -19.32 29.04 20.64
C PRO A 274 -19.00 27.58 20.32
N VAL A 275 -18.63 26.84 21.37
CA VAL A 275 -18.28 25.42 21.25
C VAL A 275 -18.65 24.65 22.51
N SER A 276 -18.98 23.37 22.33
CA SER A 276 -19.34 22.47 23.43
C SER A 276 -20.57 22.86 24.24
N LYS A 277 -21.72 22.91 23.57
CA LYS A 277 -22.97 23.22 24.26
C LYS A 277 -23.33 21.96 25.06
N THR A 278 -24.34 22.05 25.93
CA THR A 278 -24.76 20.91 26.76
C THR A 278 -24.59 19.57 26.03
N SER A 279 -25.07 19.52 24.80
CA SER A 279 -24.97 18.30 24.00
C SER A 279 -24.72 18.62 22.53
N ARG A 280 -25.41 19.63 22.00
CA ARG A 280 -25.21 20.02 20.61
C ARG A 280 -23.71 20.28 20.48
N THR A 281 -23.04 19.43 19.71
CA THR A 281 -21.61 19.52 19.50
C THR A 281 -21.19 20.55 18.44
N ASN A 282 -20.65 21.70 18.89
CA ASN A 282 -20.18 22.75 17.97
C ASN A 282 -18.72 22.47 17.62
N TYR A 283 -18.45 21.24 17.20
CA TYR A 283 -17.11 20.78 16.84
C TYR A 283 -17.17 19.29 16.50
N GLU A 284 -16.13 18.76 15.87
CA GLU A 284 -16.12 17.34 15.52
C GLU A 284 -15.70 16.47 16.69
N THR A 285 -16.46 15.41 16.92
CA THR A 285 -16.24 14.45 18.00
C THR A 285 -15.83 13.09 17.44
N PHE A 286 -15.10 12.30 18.21
CA PHE A 286 -14.65 10.98 17.76
C PHE A 286 -15.78 10.04 17.30
N ALA A 287 -16.94 10.12 17.95
CA ALA A 287 -18.07 9.25 17.62
C ALA A 287 -19.09 9.94 16.71
N VAL A 288 -20.37 9.65 16.95
CA VAL A 288 -21.46 10.23 16.17
C VAL A 288 -21.74 11.67 16.61
N GLN A 289 -21.58 11.93 17.91
CA GLN A 289 -21.81 13.27 18.47
C GLN A 289 -21.61 13.33 20.01
N VAL A 290 -20.58 12.65 20.50
CA VAL A 290 -20.24 12.61 21.93
C VAL A 290 -19.63 13.94 22.37
N PRO A 291 -20.24 14.61 23.36
CA PRO A 291 -19.74 15.90 23.87
C PRO A 291 -18.33 15.91 24.45
N ALA A 292 -18.12 15.10 25.49
CA ALA A 292 -16.85 15.03 26.19
C ALA A 292 -15.63 14.62 25.37
N MET A 293 -15.82 14.41 24.06
CA MET A 293 -14.69 13.99 23.24
C MET A 293 -14.49 14.70 21.89
N PRO A 294 -13.72 15.80 21.88
CA PRO A 294 -13.42 16.59 20.68
C PRO A 294 -12.21 15.99 19.95
N LYS A 295 -12.34 15.75 18.64
CA LYS A 295 -11.25 15.16 17.87
C LYS A 295 -9.97 16.01 17.88
N LEU A 296 -8.82 15.36 17.89
CA LEU A 296 -7.55 16.05 17.86
C LEU A 296 -7.01 16.06 16.44
N ARG A 297 -6.77 17.26 15.92
CA ARG A 297 -6.25 17.46 14.57
C ARG A 297 -4.80 16.98 14.50
N THR A 298 -4.63 15.68 14.31
CA THR A 298 -3.32 15.04 14.27
C THR A 298 -2.46 15.39 13.06
N GLU A 299 -3.02 16.09 12.08
CA GLU A 299 -2.25 16.46 10.89
C GLU A 299 -1.42 17.71 11.20
N ASN A 300 -1.88 18.45 12.22
CA ASN A 300 -1.29 19.68 12.70
C ASN A 300 0.02 19.44 13.44
N PRO A 301 1.14 20.04 12.97
CA PRO A 301 2.49 19.93 13.55
C PRO A 301 2.58 20.15 15.04
N GLU A 302 1.72 21.03 15.56
CA GLU A 302 1.71 21.33 16.99
C GLU A 302 1.12 20.12 17.72
N VAL A 303 -0.11 19.77 17.38
CA VAL A 303 -0.81 18.63 17.96
C VAL A 303 0.08 17.38 17.88
N LYS A 304 0.58 17.11 16.70
CA LYS A 304 1.44 15.96 16.46
C LYS A 304 2.62 15.87 17.43
N GLU A 305 3.35 16.96 17.58
CA GLU A 305 4.53 17.03 18.45
C GLU A 305 4.16 16.91 19.95
N TYR A 306 3.00 17.45 20.29
CA TYR A 306 2.53 17.40 21.65
C TYR A 306 2.40 15.94 22.08
N LEU A 307 1.61 15.18 21.34
CA LEU A 307 1.40 13.76 21.63
C LEU A 307 2.72 12.98 21.50
N PHE A 308 3.56 13.36 20.54
CA PHE A 308 4.84 12.68 20.38
C PHE A 308 5.63 12.91 21.68
N ASP A 309 5.38 14.05 22.32
CA ASP A 309 6.04 14.38 23.59
C ASP A 309 5.38 13.58 24.69
N VAL A 310 4.05 13.52 24.69
CA VAL A 310 3.33 12.73 25.67
C VAL A 310 3.85 11.32 25.53
N ALA A 311 4.34 11.01 24.33
CA ALA A 311 4.89 9.69 24.06
C ALA A 311 6.25 9.55 24.72
N ARG A 312 7.17 10.46 24.40
CA ARG A 312 8.52 10.42 24.98
C ARG A 312 8.50 10.47 26.50
N PHE A 313 7.60 11.27 27.07
CA PHE A 313 7.52 11.36 28.52
C PHE A 313 7.28 9.99 29.15
N TRP A 314 6.15 9.35 28.82
CA TRP A 314 5.82 8.05 29.38
C TRP A 314 6.81 6.90 29.17
N MET A 315 7.56 6.96 28.08
CA MET A 315 8.52 5.90 27.81
C MET A 315 9.75 6.11 28.69
N GLU A 316 9.91 7.34 29.17
CA GLU A 316 11.03 7.68 30.05
C GLU A 316 10.88 6.91 31.36
N GLN A 317 9.64 6.59 31.72
CA GLN A 317 9.33 5.84 32.94
C GLN A 317 9.54 4.36 32.70
N GLY A 318 9.99 4.00 31.51
CA GLY A 318 10.25 2.61 31.19
C GLY A 318 9.08 1.71 30.76
N ILE A 319 8.11 2.21 30.00
CA ILE A 319 7.03 1.34 29.55
C ILE A 319 7.45 0.68 28.25
N ASP A 320 7.03 -0.56 28.06
CA ASP A 320 7.42 -1.36 26.89
C ASP A 320 6.55 -1.28 25.62
N GLY A 321 5.59 -0.38 25.56
CA GLY A 321 4.82 -0.34 24.34
C GLY A 321 3.48 0.36 24.41
N TRP A 322 2.88 0.55 23.23
CA TRP A 322 1.58 1.21 23.12
C TRP A 322 0.50 0.36 22.43
N ARG A 323 -0.74 0.56 22.85
CA ARG A 323 -1.90 -0.07 22.26
C ARG A 323 -2.57 1.16 21.70
N LEU A 324 -2.58 1.31 20.39
CA LEU A 324 -3.16 2.50 19.78
C LEU A 324 -4.67 2.46 19.69
N ASN A 325 -5.30 3.32 20.48
CA ASN A 325 -6.75 3.43 20.57
C ASN A 325 -7.37 4.12 19.34
N VAL A 326 -8.28 3.42 18.66
CA VAL A 326 -8.95 3.92 17.45
C VAL A 326 -7.93 4.46 16.44
N ALA A 327 -6.87 3.70 16.26
CA ALA A 327 -5.76 4.07 15.39
C ALA A 327 -6.16 4.42 13.96
N ASN A 328 -7.09 3.66 13.42
CA ASN A 328 -7.55 3.85 12.05
C ASN A 328 -8.12 5.21 11.76
N GLU A 329 -7.93 6.17 12.65
CA GLU A 329 -8.46 7.51 12.40
C GLU A 329 -7.46 8.66 12.52
N VAL A 330 -6.18 8.33 12.36
CA VAL A 330 -5.12 9.32 12.38
C VAL A 330 -4.21 9.07 11.18
N ASP A 331 -3.77 10.15 10.55
CA ASP A 331 -2.92 10.11 9.36
C ASP A 331 -1.77 9.13 9.42
N HIS A 332 -1.62 8.32 8.37
CA HIS A 332 -0.54 7.36 8.33
C HIS A 332 0.78 8.09 8.56
N ALA A 333 0.81 9.34 8.17
CA ALA A 333 2.00 10.17 8.36
C ALA A 333 2.33 10.12 9.85
N PHE A 334 1.37 10.55 10.67
CA PHE A 334 1.52 10.54 12.11
C PHE A 334 1.98 9.16 12.56
N TRP A 335 1.22 8.14 12.17
CA TRP A 335 1.55 6.77 12.55
C TRP A 335 2.94 6.28 12.16
N ARG A 336 3.44 6.75 11.02
CA ARG A 336 4.78 6.37 10.56
C ARG A 336 5.84 7.05 11.40
N GLU A 337 5.70 8.35 11.56
CA GLU A 337 6.65 9.13 12.34
C GLU A 337 6.60 8.67 13.78
N PHE A 338 5.44 8.18 14.20
CA PHE A 338 5.28 7.71 15.57
C PHE A 338 6.26 6.60 15.78
N ARG A 339 6.20 5.59 14.89
CA ARG A 339 7.08 4.44 14.94
C ARG A 339 8.54 4.85 15.01
N ARG A 340 8.95 5.70 14.07
CA ARG A 340 10.31 6.20 14.00
C ARG A 340 10.72 6.76 15.37
N LEU A 341 9.84 7.56 15.96
CA LEU A 341 10.09 8.12 17.29
C LEU A 341 10.28 6.95 18.25
N VAL A 342 9.15 6.41 18.68
CA VAL A 342 9.10 5.26 19.57
C VAL A 342 10.27 4.29 19.37
N LYS A 343 10.50 3.86 18.13
CA LYS A 343 11.56 2.89 17.88
C LYS A 343 13.00 3.38 18.04
N SER A 344 13.26 4.66 17.75
CA SER A 344 14.63 5.15 17.92
C SER A 344 14.85 5.28 19.41
N LEU A 345 13.80 5.71 20.10
CA LEU A 345 13.82 5.91 21.53
C LEU A 345 13.67 4.58 22.28
N ASN A 346 13.50 3.49 21.52
CA ASN A 346 13.36 2.14 22.09
C ASN A 346 12.98 1.09 21.04
N PRO A 347 13.95 0.23 20.66
CA PRO A 347 13.80 -0.83 19.68
C PRO A 347 12.80 -1.93 20.04
N ASP A 348 12.64 -2.19 21.33
CA ASP A 348 11.72 -3.25 21.74
C ASP A 348 10.32 -2.80 22.13
N ALA A 349 10.07 -1.51 22.00
CA ALA A 349 8.75 -0.99 22.30
C ALA A 349 7.84 -1.61 21.27
N LEU A 350 6.63 -1.95 21.70
CA LEU A 350 5.65 -2.55 20.80
C LEU A 350 4.53 -1.56 20.50
N ILE A 351 4.17 -1.49 19.23
CA ILE A 351 3.09 -0.64 18.78
C ILE A 351 1.98 -1.58 18.31
N VAL A 352 0.93 -1.71 19.10
CA VAL A 352 -0.19 -2.57 18.77
C VAL A 352 -1.35 -1.67 18.39
N GLY A 353 -1.95 -1.87 17.22
CA GLY A 353 -3.06 -1.04 16.79
C GLY A 353 -4.44 -1.66 16.99
N GLU A 354 -5.47 -0.82 17.08
CA GLU A 354 -6.84 -1.30 17.25
C GLU A 354 -7.73 -0.85 16.10
N ILE A 355 -7.85 -1.68 15.05
CA ILE A 355 -8.67 -1.35 13.88
C ILE A 355 -9.74 -2.42 13.75
N TRP A 356 -10.99 -2.02 13.52
CA TRP A 356 -12.04 -3.01 13.41
C TRP A 356 -12.48 -3.45 12.02
N HIS A 357 -11.61 -3.26 11.02
CA HIS A 357 -11.86 -3.70 9.65
C HIS A 357 -10.52 -4.15 9.06
N ASP A 358 -10.37 -4.27 7.75
CA ASP A 358 -9.06 -4.74 7.27
C ASP A 358 -7.91 -3.79 7.58
N ALA A 359 -6.98 -4.26 8.39
CA ALA A 359 -5.83 -3.49 8.83
C ALA A 359 -4.58 -3.62 7.96
N SER A 360 -4.72 -4.24 6.79
CA SER A 360 -3.58 -4.46 5.90
C SER A 360 -2.69 -3.26 5.67
N GLY A 361 -3.31 -2.13 5.35
CA GLY A 361 -2.53 -0.93 5.10
C GLY A 361 -1.61 -0.50 6.24
N TRP A 362 -2.05 -0.64 7.49
CA TRP A 362 -1.22 -0.25 8.63
C TRP A 362 -0.21 -1.33 9.03
N LEU A 363 -0.30 -2.48 8.37
CA LEU A 363 0.58 -3.60 8.67
C LEU A 363 1.60 -3.94 7.59
N MET A 364 2.36 -2.95 7.13
CA MET A 364 3.40 -3.17 6.13
C MET A 364 4.77 -2.99 6.75
N GLY A 365 4.83 -3.10 8.07
CA GLY A 365 6.09 -2.95 8.77
C GLY A 365 6.54 -1.53 9.07
N ASP A 366 5.80 -0.53 8.59
CA ASP A 366 6.22 0.85 8.82
C ASP A 366 5.30 1.63 9.73
N GLN A 367 4.35 0.96 10.36
CA GLN A 367 3.45 1.62 11.30
C GLN A 367 3.17 0.80 12.55
N PHE A 368 2.14 -0.04 12.57
CA PHE A 368 1.88 -0.86 13.76
C PHE A 368 2.66 -2.18 13.65
N ASP A 369 2.89 -2.88 14.75
CA ASP A 369 3.61 -4.15 14.67
C ASP A 369 2.58 -5.23 14.53
N SER A 370 1.40 -4.95 15.09
CA SER A 370 0.24 -5.82 15.06
C SER A 370 -0.96 -5.03 15.58
N VAL A 371 -2.14 -5.61 15.42
CA VAL A 371 -3.38 -5.00 15.86
C VAL A 371 -4.22 -6.06 16.58
N MET A 372 -5.30 -5.64 17.23
CA MET A 372 -6.17 -6.58 17.93
C MET A 372 -6.76 -7.56 16.92
N ASN A 373 -6.68 -8.85 17.19
CA ASN A 373 -7.23 -9.81 16.24
C ASN A 373 -8.71 -9.99 16.51
N TYR A 374 -9.51 -9.03 16.06
CA TYR A 374 -10.94 -9.10 16.27
C TYR A 374 -11.46 -10.27 15.45
N LEU A 375 -10.76 -10.63 14.37
CA LEU A 375 -11.25 -11.75 13.57
C LEU A 375 -11.18 -13.07 14.35
N PHE A 376 -10.07 -13.30 15.06
CA PHE A 376 -9.86 -14.51 15.85
C PHE A 376 -10.98 -14.72 16.84
N ARG A 377 -11.38 -13.64 17.51
CA ARG A 377 -12.41 -13.73 18.52
C ARG A 377 -13.76 -14.18 17.97
N GLU A 378 -14.08 -13.74 16.75
CA GLU A 378 -15.34 -14.11 16.09
C GLU A 378 -15.34 -15.60 15.73
N SER A 379 -14.27 -16.06 15.09
CA SER A 379 -14.17 -17.47 14.74
C SER A 379 -14.15 -18.33 16.00
N VAL A 380 -13.67 -17.76 17.10
CA VAL A 380 -13.62 -18.50 18.35
C VAL A 380 -15.00 -18.56 18.98
N ILE A 381 -15.66 -17.41 19.09
CA ILE A 381 -16.98 -17.39 19.71
C ILE A 381 -18.01 -18.22 18.99
N ARG A 382 -18.04 -18.10 17.67
CA ARG A 382 -19.02 -18.82 16.86
C ARG A 382 -18.77 -20.31 16.76
N PHE A 383 -17.54 -20.73 17.00
CA PHE A 383 -17.19 -22.14 16.91
C PHE A 383 -17.32 -22.86 18.24
N PHE A 384 -16.73 -22.32 19.30
CA PHE A 384 -16.77 -22.98 20.61
C PHE A 384 -17.95 -22.62 21.51
N ALA A 385 -18.31 -21.34 21.55
CA ALA A 385 -19.38 -20.89 22.42
C ALA A 385 -20.80 -21.06 21.90
N THR A 386 -21.14 -20.36 20.81
CA THR A 386 -22.49 -20.42 20.25
C THR A 386 -22.75 -21.66 19.41
N GLY A 387 -21.68 -22.22 18.86
CA GLY A 387 -21.81 -23.39 18.02
C GLY A 387 -22.45 -23.03 16.70
N GLU A 388 -22.35 -21.75 16.32
CA GLU A 388 -22.92 -21.26 15.08
C GLU A 388 -22.22 -21.77 13.82
N ILE A 389 -20.99 -22.23 13.98
CA ILE A 389 -20.21 -22.72 12.85
C ILE A 389 -19.50 -24.03 13.21
N HIS A 390 -19.39 -24.92 12.22
CA HIS A 390 -18.73 -26.20 12.41
C HIS A 390 -17.26 -26.02 12.12
N ALA A 391 -16.49 -27.08 12.36
CA ALA A 391 -15.04 -27.01 12.18
C ALA A 391 -14.52 -26.81 10.77
N GLU A 392 -15.38 -26.91 9.76
CA GLU A 392 -14.88 -26.70 8.41
C GLU A 392 -14.90 -25.21 8.12
N ARG A 393 -15.90 -24.54 8.66
CA ARG A 393 -16.07 -23.10 8.54
C ARG A 393 -15.04 -22.42 9.43
N PHE A 394 -14.85 -23.01 10.62
CA PHE A 394 -13.88 -22.53 11.60
C PHE A 394 -12.49 -22.60 10.98
N ASP A 395 -12.30 -23.56 10.08
CA ASP A 395 -11.03 -23.75 9.40
C ASP A 395 -10.88 -22.69 8.32
N ALA A 396 -12.00 -22.39 7.67
CA ALA A 396 -12.07 -21.42 6.60
C ALA A 396 -11.73 -20.04 7.15
N GLU A 397 -12.58 -19.54 8.04
CA GLU A 397 -12.38 -18.24 8.66
C GLU A 397 -10.95 -18.06 9.17
N LEU A 398 -10.48 -18.99 9.98
CA LEU A 398 -9.13 -18.88 10.49
C LEU A 398 -8.12 -18.72 9.36
N THR A 399 -8.21 -19.60 8.37
CA THR A 399 -7.30 -19.61 7.22
C THR A 399 -7.31 -18.36 6.35
N ARG A 400 -8.49 -17.77 6.17
CA ARG A 400 -8.61 -16.57 5.33
C ARG A 400 -7.96 -15.37 6.00
N ALA A 401 -8.13 -15.26 7.31
CA ALA A 401 -7.55 -14.15 8.03
C ALA A 401 -6.04 -14.34 8.20
N ARG A 402 -5.60 -15.59 8.20
CA ARG A 402 -4.18 -15.90 8.37
C ARG A 402 -3.38 -15.39 7.20
N MET A 403 -4.03 -15.34 6.03
CA MET A 403 -3.36 -14.89 4.81
C MET A 403 -3.50 -13.39 4.59
N LEU A 404 -4.20 -12.73 5.50
CA LEU A 404 -4.49 -11.31 5.41
C LEU A 404 -3.29 -10.37 5.45
N TYR A 405 -2.22 -10.75 6.14
CA TYR A 405 -1.10 -9.83 6.26
C TYR A 405 0.27 -10.51 6.23
N PRO A 406 1.35 -9.73 6.09
CA PRO A 406 2.68 -10.33 6.08
C PRO A 406 2.88 -11.14 7.36
N GLU A 407 3.58 -12.27 7.25
CA GLU A 407 3.82 -13.11 8.40
C GLU A 407 4.28 -12.35 9.63
N GLN A 408 5.21 -11.41 9.48
CA GLN A 408 5.68 -10.65 10.64
C GLN A 408 4.53 -10.17 11.52
N ALA A 409 3.49 -9.65 10.89
CA ALA A 409 2.30 -9.16 11.59
C ALA A 409 1.36 -10.30 11.97
N ALA A 410 1.16 -11.24 11.06
CA ALA A 410 0.28 -12.37 11.34
C ALA A 410 0.68 -13.00 12.66
N GLN A 411 1.97 -13.27 12.79
CA GLN A 411 2.51 -13.87 13.99
C GLN A 411 2.31 -13.02 15.24
N GLY A 412 1.96 -11.75 15.07
CA GLY A 412 1.81 -10.90 16.23
C GLY A 412 0.42 -10.44 16.68
N LEU A 413 -0.64 -10.88 16.01
CA LEU A 413 -1.97 -10.44 16.41
C LEU A 413 -2.37 -10.86 17.82
N TRP A 414 -2.93 -9.90 18.58
CA TRP A 414 -3.41 -10.17 19.93
C TRP A 414 -4.73 -10.92 19.87
N ASN A 415 -4.65 -12.23 20.09
CA ASN A 415 -5.83 -13.09 20.04
C ASN A 415 -6.54 -13.04 21.36
N LEU A 416 -7.70 -12.41 21.38
CA LEU A 416 -8.48 -12.30 22.61
C LEU A 416 -9.86 -12.98 22.55
N LEU A 417 -10.42 -13.30 23.73
CA LEU A 417 -11.73 -13.92 23.80
C LEU A 417 -12.74 -12.84 24.10
N ASP A 418 -12.34 -11.90 24.95
CA ASP A 418 -13.22 -10.83 25.35
C ASP A 418 -12.47 -9.58 25.75
N SER A 419 -13.23 -8.55 26.11
CA SER A 419 -12.69 -7.28 26.54
C SER A 419 -13.64 -6.71 27.59
N HIS A 420 -13.42 -5.47 27.99
CA HIS A 420 -14.28 -4.83 28.95
C HIS A 420 -15.54 -4.39 28.23
N ASN A 421 -15.46 -4.39 26.91
CA ASN A 421 -16.55 -3.99 26.03
C ASN A 421 -17.40 -5.17 25.56
N THR A 422 -17.22 -6.34 26.18
CA THR A 422 -17.99 -7.49 25.76
C THR A 422 -18.29 -8.40 26.91
N GLU A 423 -19.31 -9.24 26.77
CA GLU A 423 -19.66 -10.19 27.82
C GLU A 423 -18.47 -11.14 27.96
N ARG A 424 -18.26 -11.60 29.19
CA ARG A 424 -17.16 -12.52 29.44
C ARG A 424 -17.32 -13.77 28.58
N PHE A 425 -16.22 -14.43 28.25
CA PHE A 425 -16.30 -15.61 27.41
C PHE A 425 -17.01 -16.77 28.08
N LEU A 426 -16.69 -17.06 29.35
CA LEU A 426 -17.33 -18.18 30.06
C LEU A 426 -18.84 -18.03 30.02
N THR A 427 -19.30 -16.79 29.88
CA THR A 427 -20.72 -16.52 29.76
C THR A 427 -21.12 -16.84 28.30
N SER A 428 -20.37 -16.32 27.33
CA SER A 428 -20.67 -16.58 25.92
C SER A 428 -20.77 -18.10 25.72
N CYS A 429 -20.04 -18.84 26.56
CA CYS A 429 -20.02 -20.30 26.51
C CYS A 429 -21.18 -20.93 27.30
N GLY A 430 -22.07 -20.07 27.80
CA GLY A 430 -23.23 -20.53 28.55
C GLY A 430 -22.90 -20.91 29.97
N GLY A 431 -21.65 -21.26 30.20
CA GLY A 431 -21.22 -21.67 31.53
C GLY A 431 -20.62 -23.05 31.42
N ASN A 432 -20.72 -23.61 30.22
CA ASN A 432 -20.18 -24.94 29.98
C ASN A 432 -18.66 -24.91 29.97
N GLU A 433 -18.04 -24.80 31.15
CA GLU A 433 -16.59 -24.73 31.26
C GLU A 433 -15.79 -25.67 30.38
N ALA A 434 -16.44 -26.72 29.87
CA ALA A 434 -15.77 -27.69 29.02
C ALA A 434 -15.45 -26.99 27.71
N LYS A 435 -16.38 -26.15 27.29
CA LYS A 435 -16.23 -25.39 26.06
C LYS A 435 -15.20 -24.29 26.27
N PHE A 436 -15.29 -23.60 27.41
CA PHE A 436 -14.35 -22.54 27.74
C PHE A 436 -12.92 -23.10 27.69
N ARG A 437 -12.66 -24.12 28.51
CA ARG A 437 -11.34 -24.71 28.53
C ARG A 437 -10.83 -25.01 27.13
N LEU A 438 -11.70 -25.58 26.28
CA LEU A 438 -11.28 -25.96 24.94
C LEU A 438 -10.79 -24.75 24.17
N ALA A 439 -11.59 -23.69 24.16
CA ALA A 439 -11.24 -22.45 23.50
C ALA A 439 -9.88 -21.95 23.98
N VAL A 440 -9.70 -21.90 25.29
CA VAL A 440 -8.45 -21.44 25.90
C VAL A 440 -7.28 -22.26 25.38
N LEU A 441 -7.48 -23.58 25.30
CA LEU A 441 -6.45 -24.51 24.83
C LEU A 441 -6.02 -24.05 23.45
N PHE A 442 -7.01 -23.80 22.58
CA PHE A 442 -6.79 -23.31 21.21
C PHE A 442 -6.04 -21.97 21.24
N GLN A 443 -6.53 -21.07 22.09
CA GLN A 443 -5.90 -19.77 22.23
C GLN A 443 -4.44 -19.94 22.57
N MET A 444 -4.17 -20.66 23.65
CA MET A 444 -2.80 -20.84 24.09
C MET A 444 -1.96 -21.65 23.12
N THR A 445 -2.56 -22.10 22.01
CA THR A 445 -1.81 -22.89 21.02
C THR A 445 -1.79 -22.35 19.60
N TYR A 446 -2.76 -21.49 19.27
CA TYR A 446 -2.89 -20.92 17.93
C TYR A 446 -1.84 -19.87 17.62
N LEU A 447 -1.79 -19.46 16.35
CA LEU A 447 -0.83 -18.44 15.91
C LEU A 447 -1.21 -17.02 16.33
N GLY A 448 -0.26 -16.30 16.93
CA GLY A 448 -0.52 -14.95 17.41
C GLY A 448 -0.37 -14.89 18.91
N THR A 449 -0.42 -13.68 19.46
CA THR A 449 -0.26 -13.49 20.91
C THR A 449 -1.55 -13.64 21.71
N PRO A 450 -1.59 -14.63 22.63
CA PRO A 450 -2.81 -14.79 23.43
C PRO A 450 -2.92 -13.60 24.39
N LEU A 451 -4.14 -13.12 24.56
CA LEU A 451 -4.42 -11.97 25.42
C LEU A 451 -5.48 -12.37 26.43
N ILE A 452 -5.10 -12.42 27.70
CA ILE A 452 -5.99 -12.82 28.80
C ILE A 452 -6.73 -11.67 29.46
N TYR A 453 -8.06 -11.77 29.56
CA TYR A 453 -8.84 -10.71 30.20
C TYR A 453 -8.80 -10.98 31.68
N TYR A 454 -8.52 -9.96 32.50
CA TYR A 454 -8.41 -10.18 33.95
C TYR A 454 -9.62 -10.92 34.50
N GLY A 455 -9.37 -11.99 35.22
CA GLY A 455 -10.48 -12.74 35.78
C GLY A 455 -10.77 -14.07 35.11
N ASP A 456 -10.89 -14.08 33.78
CA ASP A 456 -11.18 -15.32 33.07
C ASP A 456 -10.31 -16.50 33.52
N GLU A 457 -9.06 -16.23 33.89
CA GLU A 457 -8.15 -17.29 34.31
C GLU A 457 -8.61 -18.03 35.56
N ILE A 458 -9.57 -17.46 36.30
CA ILE A 458 -10.05 -18.15 37.49
C ILE A 458 -11.55 -18.34 37.54
N GLY A 459 -12.27 -17.88 36.52
CA GLY A 459 -13.72 -18.06 36.50
C GLY A 459 -14.71 -16.93 36.37
N MET A 460 -14.27 -15.68 36.30
CA MET A 460 -15.24 -14.58 36.18
C MET A 460 -16.34 -14.86 35.15
N ALA A 461 -17.52 -14.27 35.34
CA ALA A 461 -18.66 -14.42 34.43
C ALA A 461 -19.39 -13.08 34.30
N GLY A 462 -20.03 -12.80 33.16
CA GLY A 462 -20.74 -11.53 33.02
C GLY A 462 -21.21 -11.02 31.67
N ALA A 463 -22.08 -10.02 31.70
CA ALA A 463 -22.63 -9.39 30.50
C ALA A 463 -21.78 -8.16 30.24
N THR A 464 -21.68 -7.76 28.98
CA THR A 464 -20.91 -6.57 28.50
C THR A 464 -21.05 -5.44 29.55
N ASP A 465 -20.33 -4.30 29.45
CA ASP A 465 -20.47 -3.29 30.51
C ASP A 465 -21.92 -2.98 30.86
N PRO A 466 -22.18 -2.84 32.16
CA PRO A 466 -20.94 -3.04 32.92
C PRO A 466 -20.74 -4.31 33.73
N ASP A 467 -21.49 -5.36 33.45
CA ASP A 467 -21.33 -6.60 34.24
C ASP A 467 -20.01 -7.37 34.07
N CYS A 468 -19.37 -7.25 32.91
CA CYS A 468 -18.10 -7.96 32.68
C CYS A 468 -17.01 -7.29 33.50
N ARG A 469 -17.24 -6.03 33.86
CA ARG A 469 -16.31 -5.24 34.65
C ARG A 469 -16.54 -5.45 36.16
N ARG A 470 -16.70 -6.69 36.59
CA ARG A 470 -16.90 -6.99 37.99
C ARG A 470 -15.56 -7.01 38.69
N PRO A 471 -15.53 -6.74 40.01
CA PRO A 471 -14.31 -6.73 40.82
C PRO A 471 -13.66 -8.11 40.90
N MET A 472 -12.38 -8.15 40.53
CA MET A 472 -11.55 -9.35 40.52
C MET A 472 -11.67 -10.22 41.79
N ILE A 473 -11.88 -11.52 41.62
CA ILE A 473 -12.00 -12.42 42.77
C ILE A 473 -10.65 -12.85 43.29
N TRP A 474 -10.32 -12.43 44.51
CA TRP A 474 -9.04 -12.75 45.11
C TRP A 474 -9.15 -13.80 46.20
N GLU A 475 -10.34 -13.93 46.78
CA GLU A 475 -10.54 -14.92 47.82
C GLU A 475 -10.19 -16.32 47.31
N GLU A 476 -9.06 -16.85 47.76
CA GLU A 476 -8.61 -18.18 47.35
C GLU A 476 -9.76 -19.17 47.16
N LYS A 477 -10.66 -19.20 48.12
CA LYS A 477 -11.81 -20.10 48.09
C LYS A 477 -13.04 -19.56 47.38
N GLU A 478 -12.83 -19.04 46.18
CA GLU A 478 -13.90 -18.50 45.33
C GLU A 478 -13.32 -18.30 43.94
N GLN A 479 -12.13 -18.85 43.73
CA GLN A 479 -11.43 -18.80 42.46
C GLN A 479 -11.36 -20.22 41.92
N ASN A 480 -11.67 -20.41 40.64
CA ASN A 480 -11.63 -21.74 40.03
C ASN A 480 -10.19 -22.17 39.82
N ARG A 481 -9.49 -22.53 40.90
CA ARG A 481 -8.08 -22.92 40.82
C ARG A 481 -7.82 -24.03 39.81
N GLY A 482 -8.87 -24.79 39.48
CA GLY A 482 -8.70 -25.85 38.50
C GLY A 482 -8.38 -25.15 37.21
N LEU A 483 -9.16 -24.10 36.94
CA LEU A 483 -8.98 -23.27 35.77
C LEU A 483 -7.59 -22.66 35.84
N PHE A 484 -7.40 -21.77 36.81
CA PHE A 484 -6.12 -21.11 37.02
C PHE A 484 -4.94 -22.06 36.78
N GLU A 485 -5.04 -23.27 37.33
CA GLU A 485 -3.99 -24.27 37.17
C GLU A 485 -3.91 -24.73 35.73
N PHE A 486 -5.08 -24.93 35.13
CA PHE A 486 -5.16 -25.34 33.74
C PHE A 486 -4.42 -24.28 32.89
N TYR A 487 -4.70 -23.00 33.16
CA TYR A 487 -4.06 -21.90 32.43
C TYR A 487 -2.55 -21.93 32.54
N LYS A 488 -2.06 -21.97 33.77
CA LYS A 488 -0.62 -22.00 34.03
C LYS A 488 0.10 -23.03 33.15
N GLU A 489 -0.40 -24.27 33.17
CA GLU A 489 0.21 -25.32 32.36
C GLU A 489 0.25 -24.91 30.88
N LEU A 490 -0.92 -24.69 30.28
CA LEU A 490 -0.95 -24.29 28.88
C LEU A 490 0.12 -23.23 28.65
N ILE A 491 0.07 -22.18 29.48
CA ILE A 491 1.01 -21.07 29.40
C ILE A 491 2.46 -21.49 29.44
N ARG A 492 2.79 -22.37 30.38
CA ARG A 492 4.16 -22.86 30.52
C ARG A 492 4.46 -23.66 29.30
N LEU A 493 3.54 -24.57 28.98
CA LEU A 493 3.68 -25.45 27.83
C LEU A 493 3.93 -24.68 26.56
N ARG A 494 3.30 -23.51 26.47
CA ARG A 494 3.45 -22.65 25.30
C ARG A 494 4.85 -22.07 25.28
N HIS A 495 5.37 -21.72 26.45
CA HIS A 495 6.71 -21.15 26.51
C HIS A 495 7.76 -22.21 26.21
N ARG A 496 7.43 -23.45 26.51
CA ARG A 496 8.35 -24.55 26.29
C ARG A 496 8.54 -24.87 24.83
N LEU A 497 7.46 -25.25 24.16
CA LEU A 497 7.48 -25.63 22.75
C LEU A 497 7.75 -24.49 21.76
N ALA A 498 9.02 -24.34 21.40
CA ALA A 498 9.44 -23.30 20.47
C ALA A 498 8.67 -23.36 19.14
N SER A 499 7.75 -24.31 19.03
CA SER A 499 6.95 -24.45 17.82
C SER A 499 5.67 -23.63 17.97
N LEU A 500 5.16 -23.60 19.21
CA LEU A 500 3.93 -22.87 19.55
C LEU A 500 4.17 -21.37 19.67
N THR A 501 5.42 -20.95 19.53
CA THR A 501 5.75 -19.54 19.64
C THR A 501 6.03 -18.95 18.26
N ARG A 502 7.12 -19.38 17.66
CA ARG A 502 7.51 -18.87 16.37
C ARG A 502 7.17 -19.76 15.20
N GLY A 503 6.37 -20.79 15.43
CA GLY A 503 5.99 -21.68 14.36
C GLY A 503 4.91 -21.10 13.46
N ASN A 504 4.50 -21.86 12.46
CA ASN A 504 3.44 -21.39 11.59
C ASN A 504 2.27 -22.35 11.77
N VAL A 505 1.22 -22.18 10.99
CA VAL A 505 0.07 -23.06 11.13
C VAL A 505 -0.20 -23.81 9.84
N ARG A 506 -0.97 -24.87 9.96
CA ARG A 506 -1.37 -25.67 8.83
C ARG A 506 -2.51 -26.53 9.30
N SER A 507 -3.59 -26.54 8.53
CA SER A 507 -4.76 -27.33 8.89
C SER A 507 -4.46 -28.81 8.68
N TRP A 508 -4.79 -29.61 9.68
CA TRP A 508 -4.51 -31.03 9.66
C TRP A 508 -5.77 -31.86 9.51
N HIS A 509 -6.83 -31.51 10.23
CA HIS A 509 -8.08 -32.25 10.10
C HIS A 509 -9.29 -31.40 10.43
N ALA A 510 -10.34 -31.58 9.62
CA ALA A 510 -11.58 -30.85 9.80
C ALA A 510 -12.73 -31.77 9.41
N ASP A 511 -13.65 -31.99 10.36
CA ASP A 511 -14.77 -32.87 10.13
C ASP A 511 -16.07 -32.15 10.45
N LYS A 512 -16.65 -31.49 9.46
CA LYS A 512 -17.89 -30.75 9.67
C LYS A 512 -18.98 -31.55 10.37
N GLN A 513 -18.94 -32.87 10.24
CA GLN A 513 -19.95 -33.71 10.86
C GLN A 513 -19.61 -33.98 12.34
N ALA A 514 -18.34 -34.24 12.60
CA ALA A 514 -17.85 -34.49 13.96
C ALA A 514 -17.64 -33.19 14.73
N ASN A 515 -17.40 -32.10 14.00
CA ASN A 515 -17.15 -30.77 14.57
C ASN A 515 -15.79 -30.81 15.26
N LEU A 516 -14.90 -31.60 14.70
CA LEU A 516 -13.56 -31.78 15.21
C LEU A 516 -12.59 -31.13 14.23
N TYR A 517 -11.66 -30.35 14.78
CA TYR A 517 -10.64 -29.62 14.03
C TYR A 517 -9.24 -30.00 14.53
N ALA A 518 -8.20 -29.56 13.84
CA ALA A 518 -6.83 -29.83 14.25
C ALA A 518 -5.86 -29.16 13.28
N PHE A 519 -4.82 -28.55 13.83
CA PHE A 519 -3.81 -27.84 13.03
C PHE A 519 -2.42 -28.28 13.47
N VAL A 520 -1.38 -27.71 12.86
CA VAL A 520 -0.01 -28.08 13.20
C VAL A 520 0.97 -26.94 13.11
N ARG A 521 1.60 -26.63 14.24
CA ARG A 521 2.60 -25.57 14.29
C ARG A 521 3.94 -26.25 14.06
N THR A 522 4.82 -25.62 13.28
CA THR A 522 6.13 -26.21 12.99
C THR A 522 7.20 -25.12 12.91
N VAL A 523 8.29 -25.27 13.66
CA VAL A 523 9.35 -24.27 13.61
C VAL A 523 10.52 -24.70 12.73
N GLN A 524 11.21 -25.76 13.13
CA GLN A 524 12.33 -26.29 12.35
C GLN A 524 11.87 -27.64 11.86
N ASP A 525 12.04 -28.64 12.71
CA ASP A 525 11.62 -29.98 12.40
C ASP A 525 10.50 -30.28 13.39
N GLN A 526 10.51 -29.53 14.48
CA GLN A 526 9.51 -29.73 15.52
C GLN A 526 8.09 -29.52 15.05
N HIS A 527 7.25 -30.49 15.39
CA HIS A 527 5.84 -30.45 15.06
C HIS A 527 5.09 -30.62 16.37
N VAL A 528 3.97 -29.93 16.47
CA VAL A 528 3.12 -30.01 17.63
C VAL A 528 1.76 -29.96 16.94
N GLY A 529 0.86 -30.85 17.30
CA GLY A 529 -0.43 -30.85 16.65
C GLY A 529 -1.56 -30.83 17.65
N VAL A 530 -2.44 -29.85 17.51
CA VAL A 530 -3.56 -29.73 18.41
C VAL A 530 -4.85 -30.33 17.84
N VAL A 531 -5.39 -31.29 18.57
CA VAL A 531 -6.61 -31.98 18.18
C VAL A 531 -7.77 -31.54 19.08
N LEU A 532 -8.61 -30.65 18.55
CA LEU A 532 -9.74 -30.11 19.29
C LEU A 532 -11.05 -30.81 18.96
N ASN A 533 -11.56 -31.59 19.92
CA ASN A 533 -12.82 -32.32 19.74
C ASN A 533 -13.99 -31.55 20.32
N ASN A 534 -14.49 -30.57 19.58
CA ASN A 534 -15.59 -29.74 20.04
C ASN A 534 -16.98 -30.35 19.86
N ARG A 535 -17.38 -31.21 20.80
CA ARG A 535 -18.68 -31.89 20.74
C ARG A 535 -18.98 -32.57 22.07
N GLY A 536 -20.26 -32.60 22.46
CA GLY A 536 -20.64 -33.23 23.72
C GLY A 536 -20.71 -34.75 23.66
N GLU A 537 -19.84 -35.33 22.84
CA GLU A 537 -19.80 -36.77 22.66
C GLU A 537 -18.34 -37.18 22.47
N LYS A 538 -18.06 -38.46 22.71
CA LYS A 538 -16.72 -39.00 22.57
C LYS A 538 -16.64 -39.49 21.14
N GLN A 539 -15.50 -39.27 20.48
CA GLN A 539 -15.38 -39.69 19.09
C GLN A 539 -14.01 -40.23 18.82
N THR A 540 -13.82 -40.74 17.60
CA THR A 540 -12.53 -41.29 17.22
C THR A 540 -12.23 -40.80 15.83
N VAL A 541 -10.97 -40.49 15.55
CA VAL A 541 -10.59 -40.01 14.22
C VAL A 541 -9.24 -40.54 13.77
N LEU A 542 -9.10 -40.69 12.47
CA LEU A 542 -7.86 -41.17 11.86
C LEU A 542 -7.20 -39.99 11.18
N LEU A 543 -6.23 -39.39 11.84
CA LEU A 543 -5.54 -38.24 11.27
C LEU A 543 -4.40 -38.65 10.37
N GLN A 544 -4.45 -38.18 9.12
CA GLN A 544 -3.42 -38.49 8.14
C GLN A 544 -2.06 -38.05 8.67
N VAL A 545 -1.30 -39.01 9.16
CA VAL A 545 0.01 -38.74 9.71
C VAL A 545 1.10 -39.48 8.93
N PRO A 546 1.49 -38.93 7.77
CA PRO A 546 2.53 -39.62 7.02
C PRO A 546 3.71 -39.92 7.96
N GLU A 547 3.97 -41.20 8.18
CA GLU A 547 5.04 -41.63 9.07
C GLU A 547 6.39 -40.98 8.79
N SER A 548 6.43 -40.18 7.73
CA SER A 548 7.65 -39.47 7.34
C SER A 548 8.34 -38.74 8.49
N GLY A 549 7.85 -37.55 8.81
CA GLY A 549 8.45 -36.75 9.87
C GLY A 549 7.82 -36.95 11.24
N GLY A 550 7.79 -38.19 11.69
CA GLY A 550 7.22 -38.50 12.99
C GLY A 550 6.10 -39.52 12.89
N LYS A 551 6.20 -40.60 13.67
CA LYS A 551 5.17 -41.64 13.65
C LYS A 551 4.74 -42.03 15.06
N THR A 552 5.11 -41.20 16.03
CA THR A 552 4.75 -41.40 17.43
C THR A 552 4.82 -40.05 18.16
N TRP A 553 3.75 -39.72 18.87
CA TRP A 553 3.69 -38.45 19.59
C TRP A 553 3.32 -38.59 21.06
N LEU A 554 3.75 -37.61 21.84
CA LEU A 554 3.50 -37.56 23.27
C LEU A 554 2.52 -36.41 23.56
N ASP A 555 1.45 -36.72 24.30
CA ASP A 555 0.46 -35.72 24.64
C ASP A 555 0.99 -34.82 25.75
N CYS A 556 1.49 -33.65 25.41
CA CYS A 556 2.05 -32.72 26.38
C CYS A 556 1.18 -32.46 27.60
N LEU A 557 -0.13 -32.61 27.46
CA LEU A 557 -1.06 -32.38 28.56
C LEU A 557 -1.17 -33.58 29.49
N THR A 558 -1.66 -34.70 28.96
CA THR A 558 -1.82 -35.91 29.77
C THR A 558 -0.69 -36.91 29.61
N GLY A 559 0.44 -36.45 29.12
CA GLY A 559 1.59 -37.31 28.96
C GLY A 559 1.44 -38.63 28.23
N GLU A 560 0.21 -39.02 27.88
CA GLU A 560 0.02 -40.28 27.17
C GLU A 560 0.89 -40.29 25.92
N GLU A 561 1.21 -41.49 25.44
CA GLU A 561 2.02 -41.62 24.24
C GLU A 561 1.17 -42.30 23.16
N VAL A 562 1.62 -42.24 21.92
CA VAL A 562 0.88 -42.86 20.83
C VAL A 562 1.67 -42.84 19.52
N HIS A 563 1.40 -43.81 18.65
CA HIS A 563 2.09 -43.95 17.37
C HIS A 563 1.11 -44.11 16.20
N GLY A 564 1.62 -44.01 14.97
CA GLY A 564 0.75 -44.11 13.80
C GLY A 564 0.82 -45.38 12.97
N LYS A 565 -0.33 -46.05 12.83
CA LYS A 565 -0.42 -47.29 12.06
C LYS A 565 -0.53 -47.03 10.55
N GLN A 566 0.49 -47.44 9.80
CA GLN A 566 0.50 -47.27 8.36
C GLN A 566 0.25 -45.81 7.98
N GLY A 567 0.91 -44.89 8.70
CA GLY A 567 0.75 -43.47 8.41
C GLY A 567 -0.57 -42.85 8.85
N GLN A 568 -1.46 -43.66 9.42
CA GLN A 568 -2.76 -43.18 9.90
C GLN A 568 -2.82 -43.17 11.42
N LEU A 569 -3.00 -41.99 12.02
CA LEU A 569 -3.07 -41.92 13.47
C LEU A 569 -4.50 -42.04 13.98
N LYS A 570 -4.76 -43.11 14.71
CA LYS A 570 -6.08 -43.33 15.27
C LYS A 570 -6.05 -42.65 16.64
N LEU A 571 -7.14 -41.96 16.99
CA LEU A 571 -7.27 -41.25 18.26
C LEU A 571 -8.73 -41.16 18.67
N THR A 572 -8.98 -41.24 19.97
CA THR A 572 -10.32 -41.13 20.54
C THR A 572 -10.21 -40.05 21.62
N LEU A 573 -11.18 -39.15 21.66
CA LEU A 573 -11.16 -38.06 22.64
C LEU A 573 -12.42 -37.98 23.49
N ARG A 574 -12.21 -37.76 24.78
CA ARG A 574 -13.31 -37.63 25.71
C ARG A 574 -14.10 -36.43 25.21
N PRO A 575 -15.31 -36.22 25.72
CA PRO A 575 -16.04 -35.06 25.21
C PRO A 575 -15.22 -33.78 25.40
N TYR A 576 -15.36 -32.85 24.46
CA TYR A 576 -14.67 -31.56 24.52
C TYR A 576 -13.17 -31.65 24.82
N GLN A 577 -12.63 -32.85 24.88
CA GLN A 577 -11.21 -32.98 25.16
C GLN A 577 -10.42 -32.36 24.03
N GLY A 578 -9.23 -31.87 24.37
CA GLY A 578 -8.36 -31.27 23.39
C GLY A 578 -7.02 -31.95 23.56
N MET A 579 -6.33 -32.22 22.46
CA MET A 579 -5.04 -32.88 22.54
C MET A 579 -3.86 -32.09 21.95
N ILE A 580 -2.74 -32.04 22.68
CA ILE A 580 -1.57 -31.33 22.20
C ILE A 580 -0.45 -32.34 22.01
N LEU A 581 -0.37 -32.88 20.80
CA LEU A 581 0.63 -33.89 20.45
C LEU A 581 1.94 -33.32 19.94
N TRP A 582 3.02 -33.73 20.59
CA TRP A 582 4.34 -33.27 20.23
C TRP A 582 5.05 -34.41 19.50
N ASN A 583 5.99 -34.07 18.63
CA ASN A 583 6.72 -35.08 17.87
C ASN A 583 8.15 -35.21 18.36
N GLY A 584 8.41 -34.69 19.56
CA GLY A 584 9.74 -34.77 20.13
C GLY A 584 10.74 -33.83 19.49
N ARG A 585 10.72 -33.74 18.16
CA ARG A 585 11.63 -32.87 17.41
C ARG A 585 11.84 -31.52 18.09
N MET B 1 -21.72 -16.40 -12.28
CA MET B 1 -21.02 -15.18 -11.79
C MET B 1 -19.81 -15.54 -10.94
N LEU B 2 -18.70 -15.90 -11.60
CA LEU B 2 -17.47 -16.28 -10.92
C LEU B 2 -17.08 -15.30 -9.79
N LEU B 3 -17.40 -15.67 -8.54
CA LEU B 3 -17.12 -14.84 -7.37
C LEU B 3 -15.65 -14.80 -6.93
N GLU B 4 -14.84 -15.72 -7.45
CA GLU B 4 -13.44 -15.72 -7.09
C GLU B 4 -12.74 -14.75 -8.02
N ALA B 5 -13.53 -13.97 -8.75
CA ALA B 5 -12.97 -13.01 -9.70
C ALA B 5 -13.31 -11.58 -9.35
N ILE B 6 -14.12 -11.39 -8.31
CA ILE B 6 -14.50 -10.04 -7.88
C ILE B 6 -13.39 -9.51 -6.97
N PHE B 7 -13.00 -8.26 -7.18
CA PHE B 7 -11.96 -7.67 -6.37
C PHE B 7 -12.27 -6.24 -5.93
N HIS B 8 -11.87 -5.93 -4.70
CA HIS B 8 -11.99 -4.60 -4.13
C HIS B 8 -11.29 -4.51 -2.79
N GLU B 9 -10.74 -3.33 -2.54
CA GLU B 9 -10.10 -3.10 -1.26
C GLU B 9 -10.28 -1.66 -0.86
N ALA B 10 -10.31 -1.45 0.45
CA ALA B 10 -10.49 -0.12 0.99
C ALA B 10 -9.14 0.60 1.00
N LYS B 11 -8.48 0.62 -0.16
CA LYS B 11 -7.18 1.29 -0.24
C LYS B 11 -6.62 1.41 -1.66
N GLY B 12 -5.31 1.62 -1.76
CA GLY B 12 -4.65 1.73 -3.04
C GLY B 12 -5.44 2.32 -4.20
N SER B 13 -5.52 1.55 -5.28
CA SER B 13 -6.21 1.97 -6.49
C SER B 13 -7.71 1.79 -6.46
N TYR B 14 -8.20 0.87 -5.64
CA TYR B 14 -9.62 0.62 -5.59
C TYR B 14 -10.45 1.48 -4.64
N ALA B 15 -9.77 2.25 -3.78
CA ALA B 15 -10.48 3.12 -2.84
C ALA B 15 -9.60 4.30 -2.45
N TYR B 16 -10.10 5.51 -2.66
CA TYR B 16 -9.37 6.73 -2.33
C TYR B 16 -10.19 7.99 -2.45
N PRO B 17 -9.85 9.01 -1.67
CA PRO B 17 -10.56 10.29 -1.69
C PRO B 17 -10.18 11.11 -2.89
N ILE B 18 -11.16 11.80 -3.49
CA ILE B 18 -10.87 12.68 -4.61
C ILE B 18 -10.95 14.08 -4.05
N SER B 19 -11.59 14.20 -2.91
CA SER B 19 -11.76 15.47 -2.20
C SER B 19 -11.80 15.10 -0.73
N GLU B 20 -12.17 16.03 0.13
CA GLU B 20 -12.18 15.70 1.53
C GLU B 20 -13.44 14.98 1.93
N THR B 21 -14.42 14.96 1.04
CA THR B 21 -15.68 14.31 1.38
C THR B 21 -16.24 13.37 0.35
N GLN B 22 -15.48 13.08 -0.70
CA GLN B 22 -15.97 12.17 -1.72
C GLN B 22 -14.98 11.04 -1.91
N LEU B 23 -15.43 9.82 -1.69
CA LEU B 23 -14.55 8.68 -1.86
C LEU B 23 -14.80 7.96 -3.16
N ARG B 24 -13.74 7.75 -3.92
CA ARG B 24 -13.86 7.03 -5.18
C ARG B 24 -13.58 5.54 -4.91
N VAL B 25 -14.42 4.67 -5.42
CA VAL B 25 -14.20 3.25 -5.22
C VAL B 25 -14.42 2.50 -6.52
N ARG B 26 -13.67 1.42 -6.68
CA ARG B 26 -13.75 0.60 -7.88
C ARG B 26 -13.91 -0.86 -7.56
N LEU B 27 -14.39 -1.58 -8.58
CA LEU B 27 -14.62 -2.99 -8.45
C LEU B 27 -14.30 -3.69 -9.76
N ARG B 28 -13.57 -4.79 -9.66
CA ARG B 28 -13.16 -5.58 -10.82
C ARG B 28 -13.82 -6.95 -10.78
N ALA B 29 -14.59 -7.27 -11.82
CA ALA B 29 -15.24 -8.58 -11.90
C ALA B 29 -14.80 -9.22 -13.21
N LYS B 30 -15.00 -10.52 -13.34
CA LYS B 30 -14.63 -11.17 -14.59
C LYS B 30 -15.50 -10.53 -15.66
N LYS B 31 -14.92 -10.30 -16.84
CA LYS B 31 -15.65 -9.68 -17.93
C LYS B 31 -16.95 -10.43 -18.26
N GLY B 32 -18.09 -9.77 -18.10
CA GLY B 32 -19.35 -10.40 -18.42
C GLY B 32 -20.22 -10.80 -17.25
N ASP B 33 -19.64 -11.15 -16.11
CA ASP B 33 -20.42 -11.58 -14.96
C ASP B 33 -21.35 -10.56 -14.32
N VAL B 34 -20.93 -9.29 -14.29
CA VAL B 34 -21.78 -8.27 -13.68
C VAL B 34 -22.33 -7.28 -14.69
N VAL B 35 -23.62 -7.01 -14.62
CA VAL B 35 -24.26 -6.07 -15.52
C VAL B 35 -24.67 -4.82 -14.76
N ARG B 36 -24.83 -4.96 -13.46
CA ARG B 36 -25.25 -3.84 -12.63
C ARG B 36 -24.58 -3.85 -11.25
N CYS B 37 -23.79 -2.81 -10.99
CA CYS B 37 -23.09 -2.66 -9.73
C CYS B 37 -23.63 -1.43 -9.02
N GLU B 38 -24.07 -1.60 -7.79
CA GLU B 38 -24.62 -0.50 -7.01
C GLU B 38 -24.01 -0.52 -5.62
N VAL B 39 -23.85 0.64 -5.02
CA VAL B 39 -23.27 0.67 -3.69
C VAL B 39 -24.24 1.20 -2.65
N LEU B 40 -24.31 0.51 -1.52
CA LEU B 40 -25.15 0.92 -0.41
C LEU B 40 -24.18 1.33 0.67
N TYR B 41 -24.23 2.61 1.04
CA TYR B 41 -23.30 3.09 2.04
C TYR B 41 -23.88 4.02 3.10
N ALA B 42 -23.05 4.33 4.09
CA ALA B 42 -23.43 5.19 5.18
C ALA B 42 -22.21 5.54 6.02
N ASP B 43 -22.42 6.39 7.02
CA ASP B 43 -21.35 6.80 7.92
C ASP B 43 -20.99 5.60 8.83
N ARG B 44 -19.71 5.42 9.08
CA ARG B 44 -19.25 4.34 9.92
C ARG B 44 -19.97 4.29 11.27
N TYR B 45 -20.31 5.46 11.82
CA TYR B 45 -20.96 5.51 13.12
C TYR B 45 -22.47 5.60 13.16
N ALA B 46 -23.13 5.55 12.02
CA ALA B 46 -24.60 5.62 11.98
C ALA B 46 -25.16 4.30 12.47
N SER B 47 -26.35 4.33 13.07
CA SER B 47 -26.95 3.12 13.61
C SER B 47 -27.78 2.30 12.63
N PRO B 48 -27.56 0.98 12.61
CA PRO B 48 -28.21 -0.04 11.76
C PRO B 48 -29.65 0.23 11.38
N GLU B 49 -30.37 0.95 12.23
CA GLU B 49 -31.75 1.27 11.95
C GLU B 49 -31.83 2.13 10.68
N GLU B 50 -30.93 3.11 10.58
CA GLU B 50 -30.88 4.08 9.48
C GLU B 50 -31.03 3.58 8.05
N GLU B 51 -31.32 4.55 7.18
CA GLU B 51 -31.51 4.32 5.76
C GLU B 51 -30.13 4.19 5.12
N LEU B 52 -30.09 3.74 3.88
CA LEU B 52 -28.81 3.62 3.22
C LEU B 52 -28.68 4.46 1.97
N ALA B 53 -27.50 5.03 1.78
CA ALA B 53 -27.24 5.85 0.62
C ALA B 53 -26.99 4.94 -0.58
N HIS B 54 -27.48 5.36 -1.75
CA HIS B 54 -27.31 4.60 -2.98
C HIS B 54 -26.34 5.31 -3.92
N ALA B 55 -25.64 4.51 -4.71
CA ALA B 55 -24.68 5.02 -5.67
C ALA B 55 -24.44 3.98 -6.74
N LEU B 56 -24.91 4.28 -7.95
CA LEU B 56 -24.77 3.34 -9.03
C LEU B 56 -23.36 3.45 -9.59
N ALA B 57 -22.67 2.33 -9.66
CA ALA B 57 -21.32 2.33 -10.19
C ALA B 57 -21.40 2.02 -11.68
N GLY B 58 -20.89 2.90 -12.52
CA GLY B 58 -20.96 2.63 -13.94
C GLY B 58 -19.79 1.77 -14.40
N LYS B 59 -19.87 1.21 -15.60
CA LYS B 59 -18.76 0.40 -16.09
C LYS B 59 -17.75 1.36 -16.74
N ALA B 60 -16.62 1.56 -16.05
CA ALA B 60 -15.60 2.46 -16.54
C ALA B 60 -14.71 1.79 -17.58
N GLY B 61 -15.03 0.55 -17.94
CA GLY B 61 -14.21 -0.09 -18.95
C GLY B 61 -14.02 -1.60 -18.88
N SER B 62 -13.47 -2.17 -19.95
CA SER B 62 -13.21 -3.59 -20.02
C SER B 62 -11.79 -3.85 -20.30
N ASP B 63 -11.33 -4.88 -19.61
CA ASP B 63 -9.97 -5.35 -19.66
C ASP B 63 -9.88 -6.23 -20.87
N GLU B 64 -9.22 -7.36 -20.67
CA GLU B 64 -9.03 -8.38 -21.68
C GLU B 64 -9.48 -9.67 -20.96
N ARG B 65 -10.06 -9.50 -19.76
CA ARG B 65 -10.55 -10.58 -18.90
C ARG B 65 -11.54 -10.02 -17.88
N PHE B 66 -11.38 -8.74 -17.54
CA PHE B 66 -12.28 -8.11 -16.56
C PHE B 66 -13.08 -6.91 -17.03
N ASP B 67 -14.01 -6.49 -16.18
CA ASP B 67 -14.82 -5.31 -16.39
C ASP B 67 -14.44 -4.44 -15.22
N TYR B 68 -14.63 -3.13 -15.32
CA TYR B 68 -14.28 -2.28 -14.20
C TYR B 68 -15.40 -1.33 -13.85
N PHE B 69 -15.94 -1.50 -12.66
CA PHE B 69 -17.02 -0.65 -12.22
C PHE B 69 -16.44 0.39 -11.27
N GLU B 70 -17.06 1.57 -11.28
CA GLU B 70 -16.61 2.69 -10.50
C GLU B 70 -17.82 3.45 -9.98
N ALA B 71 -17.69 3.98 -8.77
CA ALA B 71 -18.75 4.76 -8.14
C ALA B 71 -18.10 5.82 -7.23
N LEU B 72 -18.78 6.94 -7.00
CA LEU B 72 -18.25 7.99 -6.16
C LEU B 72 -19.17 8.28 -5.00
N LEU B 73 -18.77 7.84 -3.81
CA LEU B 73 -19.57 8.00 -2.59
C LEU B 73 -19.35 9.38 -1.95
N GLU B 74 -20.46 10.05 -1.65
CA GLU B 74 -20.42 11.38 -1.03
C GLU B 74 -20.44 11.15 0.48
N CYS B 75 -19.29 11.37 1.14
CA CYS B 75 -19.16 11.17 2.59
C CYS B 75 -18.90 12.46 3.36
N SER B 76 -19.96 13.18 3.67
CA SER B 76 -19.83 14.44 4.41
C SER B 76 -19.38 14.20 5.85
N THR B 77 -19.31 12.93 6.24
CA THR B 77 -18.89 12.59 7.59
C THR B 77 -17.42 12.33 7.66
N LYS B 78 -16.80 12.21 6.49
CA LYS B 78 -15.36 11.94 6.34
C LYS B 78 -14.98 10.52 6.75
N ARG B 79 -15.98 9.69 7.03
CA ARG B 79 -15.81 8.29 7.42
C ARG B 79 -16.93 7.56 6.70
N VAL B 80 -16.62 6.41 6.11
CA VAL B 80 -17.62 5.65 5.35
C VAL B 80 -17.46 4.12 5.41
N LYS B 81 -18.58 3.42 5.43
CA LYS B 81 -18.61 1.95 5.41
C LYS B 81 -19.60 1.61 4.27
N TYR B 82 -19.26 0.62 3.45
CA TYR B 82 -20.10 0.28 2.30
C TYR B 82 -20.03 -1.17 1.80
N VAL B 83 -21.17 -1.64 1.24
CA VAL B 83 -21.30 -2.99 0.68
C VAL B 83 -21.86 -2.87 -0.75
N PHE B 84 -21.31 -3.65 -1.68
CA PHE B 84 -21.78 -3.62 -3.07
C PHE B 84 -22.94 -4.60 -3.32
N LEU B 85 -23.81 -4.24 -4.25
CA LEU B 85 -24.91 -5.12 -4.61
C LEU B 85 -24.65 -5.49 -6.06
N LEU B 86 -24.34 -6.74 -6.30
CA LEU B 86 -24.05 -7.19 -7.65
C LEU B 86 -25.22 -7.92 -8.29
N THR B 87 -25.43 -7.67 -9.58
CA THR B 87 -26.50 -8.30 -10.34
C THR B 87 -25.91 -8.89 -11.61
N GLY B 88 -26.16 -10.17 -11.82
CA GLY B 88 -25.66 -10.86 -13.00
C GLY B 88 -26.61 -10.69 -14.18
N PRO B 89 -26.30 -11.32 -15.31
CA PRO B 89 -27.20 -11.16 -16.45
C PRO B 89 -28.60 -11.69 -16.17
N GLN B 90 -28.70 -12.66 -15.29
CA GLN B 90 -29.99 -13.28 -15.02
C GLN B 90 -30.78 -12.92 -13.76
N GLY B 91 -30.28 -11.99 -12.97
CA GLY B 91 -31.02 -11.62 -11.78
C GLY B 91 -30.36 -12.00 -10.48
N GLU B 92 -29.39 -12.92 -10.53
CA GLU B 92 -28.67 -13.33 -9.33
C GLU B 92 -28.18 -12.08 -8.58
N ALA B 93 -28.65 -11.87 -7.36
CA ALA B 93 -28.26 -10.68 -6.60
C ALA B 93 -27.40 -10.91 -5.36
N VAL B 94 -26.10 -10.92 -5.58
CA VAL B 94 -25.11 -11.14 -4.52
C VAL B 94 -24.59 -9.86 -3.87
N TYR B 95 -24.59 -9.83 -2.54
CA TYR B 95 -24.06 -8.70 -1.81
C TYR B 95 -22.56 -8.96 -1.64
N PHE B 96 -21.75 -7.91 -1.74
CA PHE B 96 -20.30 -8.05 -1.59
C PHE B 96 -19.81 -7.16 -0.47
N GLY B 97 -19.16 -7.78 0.52
CA GLY B 97 -18.67 -7.05 1.68
C GLY B 97 -17.29 -7.50 2.12
N GLU B 98 -16.86 -7.03 3.29
CA GLU B 98 -15.55 -7.39 3.80
C GLU B 98 -15.55 -8.84 4.27
N THR B 99 -16.69 -9.31 4.79
CA THR B 99 -16.79 -10.67 5.26
C THR B 99 -16.77 -11.68 4.11
N GLY B 100 -17.23 -11.24 2.94
CA GLY B 100 -17.29 -12.09 1.76
C GLY B 100 -18.59 -11.91 0.96
N PHE B 101 -19.03 -12.97 0.26
CA PHE B 101 -20.26 -12.92 -0.54
C PHE B 101 -21.48 -13.54 0.15
N SER B 102 -22.66 -12.95 -0.06
CA SER B 102 -23.89 -13.45 0.53
C SER B 102 -25.16 -13.00 -0.19
N ALA B 103 -26.22 -13.79 -0.05
CA ALA B 103 -27.50 -13.46 -0.66
C ALA B 103 -28.26 -12.49 0.22
N GLU B 104 -27.76 -12.30 1.44
CA GLU B 104 -28.36 -11.38 2.38
C GLU B 104 -27.32 -10.29 2.60
N ARG B 105 -27.77 -9.05 2.75
CA ARG B 105 -26.86 -7.94 2.97
C ARG B 105 -25.94 -8.20 4.15
N SER B 106 -26.48 -8.04 5.36
CA SER B 106 -25.74 -8.25 6.61
C SER B 106 -24.63 -9.32 6.59
N LYS B 107 -24.88 -10.45 5.95
CA LYS B 107 -23.87 -11.51 5.93
C LYS B 107 -22.66 -11.23 5.10
N ALA B 108 -22.69 -10.19 4.29
CA ALA B 108 -21.55 -9.85 3.43
C ALA B 108 -20.60 -8.92 4.17
N GLY B 109 -21.11 -8.33 5.25
CA GLY B 109 -20.31 -7.40 6.02
C GLY B 109 -20.27 -6.11 5.24
N VAL B 110 -19.32 -5.25 5.60
CA VAL B 110 -19.19 -3.97 4.95
C VAL B 110 -17.71 -3.56 4.88
N PHE B 111 -17.28 -2.96 3.77
CA PHE B 111 -15.91 -2.48 3.64
C PHE B 111 -15.92 -1.15 4.37
N GLN B 112 -14.76 -0.69 4.83
CA GLN B 112 -14.70 0.59 5.55
C GLN B 112 -13.50 1.45 5.19
N TYR B 113 -13.70 2.76 5.14
CA TYR B 113 -12.60 3.71 4.88
C TYR B 113 -12.71 4.62 6.10
N ALA B 114 -11.96 4.22 7.13
CA ALA B 114 -11.97 4.88 8.44
C ALA B 114 -12.06 6.41 8.53
N TYR B 115 -11.37 7.15 7.67
CA TYR B 115 -11.42 8.60 7.75
C TYR B 115 -10.63 9.28 6.65
N ILE B 116 -11.27 10.24 5.97
CA ILE B 116 -10.61 10.94 4.87
C ILE B 116 -9.83 12.17 5.32
N HIS B 117 -8.50 12.04 5.42
CA HIS B 117 -7.63 13.15 5.82
C HIS B 117 -7.24 14.07 4.68
N ARG B 118 -7.60 15.33 4.81
CA ARG B 118 -7.29 16.34 3.80
C ARG B 118 -5.88 16.12 3.26
N SER B 119 -4.94 15.86 4.17
CA SER B 119 -3.54 15.67 3.83
C SER B 119 -3.24 14.43 3.05
N GLU B 120 -4.22 13.54 2.95
CA GLU B 120 -4.03 12.28 2.23
C GLU B 120 -4.78 12.20 0.90
N VAL B 121 -5.31 13.34 0.46
CA VAL B 121 -6.01 13.41 -0.81
C VAL B 121 -4.97 13.70 -1.88
N PHE B 122 -4.69 12.71 -2.72
CA PHE B 122 -3.72 12.84 -3.81
C PHE B 122 -3.82 14.19 -4.57
N THR B 123 -2.80 15.03 -4.42
CA THR B 123 -2.78 16.34 -5.08
C THR B 123 -1.60 16.48 -6.01
N THR B 124 -1.80 17.18 -7.11
CA THR B 124 -0.73 17.35 -8.07
C THR B 124 -0.73 18.73 -8.64
N PRO B 125 0.43 19.20 -9.14
CA PRO B 125 0.52 20.54 -9.73
C PRO B 125 -0.58 20.81 -10.75
N GLU B 126 -1.21 21.97 -10.64
CA GLU B 126 -2.25 22.35 -11.57
C GLU B 126 -1.69 22.58 -12.97
N TRP B 127 -0.54 23.23 -13.07
CA TRP B 127 0.03 23.47 -14.39
C TRP B 127 0.44 22.18 -15.10
N ALA B 128 0.67 21.12 -14.34
CA ALA B 128 1.07 19.84 -14.94
C ALA B 128 -0.17 19.15 -15.49
N LYS B 129 -1.34 19.52 -14.96
CA LYS B 129 -2.60 18.94 -15.39
C LYS B 129 -2.90 19.20 -16.84
N GLU B 130 -2.27 20.23 -17.43
CA GLU B 130 -2.51 20.54 -18.83
C GLU B 130 -1.28 20.94 -19.64
N ALA B 131 -0.13 20.44 -19.22
CA ALA B 131 1.11 20.74 -19.91
C ALA B 131 1.35 19.80 -21.09
N VAL B 132 2.44 20.07 -21.81
CA VAL B 132 2.88 19.29 -22.95
C VAL B 132 4.40 19.37 -22.86
N ILE B 133 5.04 18.29 -22.44
CA ILE B 133 6.50 18.29 -22.26
C ILE B 133 7.34 18.03 -23.49
N TYR B 134 8.54 18.63 -23.50
CA TYR B 134 9.50 18.51 -24.58
C TYR B 134 10.78 17.99 -23.93
N GLN B 135 11.24 16.82 -24.37
CA GLN B 135 12.44 16.21 -23.83
C GLN B 135 13.69 16.68 -24.52
N ILE B 136 14.35 17.70 -23.97
CA ILE B 136 15.59 18.20 -24.59
C ILE B 136 16.80 17.37 -24.19
N PHE B 137 17.50 16.84 -25.18
CA PHE B 137 18.73 16.05 -24.98
C PHE B 137 19.87 17.02 -25.28
N PRO B 138 20.15 17.92 -24.32
CA PRO B 138 21.17 18.97 -24.32
C PRO B 138 22.24 18.94 -25.40
N GLU B 139 23.09 17.92 -25.35
CA GLU B 139 24.18 17.76 -26.30
C GLU B 139 23.77 17.77 -27.79
N ARG B 140 22.73 17.02 -28.14
CA ARG B 140 22.30 16.93 -29.53
C ARG B 140 21.20 17.91 -29.98
N PHE B 141 20.77 18.79 -29.09
CA PHE B 141 19.72 19.75 -29.45
C PHE B 141 20.28 20.90 -30.25
N ALA B 142 20.77 21.91 -29.55
CA ALA B 142 21.33 23.09 -30.20
C ALA B 142 22.62 23.54 -29.53
N ASN B 143 23.58 23.98 -30.35
CA ASN B 143 24.86 24.45 -29.86
C ASN B 143 24.92 25.98 -29.97
N GLY B 144 24.44 26.67 -28.94
CA GLY B 144 24.45 28.11 -28.96
C GLY B 144 25.77 28.70 -28.49
N ASP B 145 26.80 27.85 -28.41
CA ASP B 145 28.12 28.30 -27.99
C ASP B 145 29.19 27.26 -28.23
N PRO B 146 30.23 27.63 -28.98
CA PRO B 146 31.37 26.76 -29.34
C PRO B 146 32.57 26.77 -28.38
N SER B 147 32.74 27.86 -27.61
CA SER B 147 33.86 27.94 -26.68
C SER B 147 33.82 26.80 -25.67
N ASN B 148 32.80 25.95 -25.81
CA ASN B 148 32.61 24.80 -24.92
C ASN B 148 32.70 23.49 -25.69
N ASP B 149 32.84 23.58 -27.00
CA ASP B 149 32.95 22.41 -27.86
C ASP B 149 34.19 21.61 -27.51
N PRO B 150 34.01 20.37 -27.02
CA PRO B 150 35.15 19.53 -26.66
C PRO B 150 35.84 18.96 -27.90
N PRO B 151 37.05 18.42 -27.74
CA PRO B 151 37.81 17.85 -28.87
C PRO B 151 37.11 16.63 -29.46
N GLY B 152 36.33 16.86 -30.52
CA GLY B 152 35.61 15.76 -31.16
C GLY B 152 34.45 16.24 -32.02
N THR B 153 33.97 17.46 -31.74
CA THR B 153 32.86 18.05 -32.50
C THR B 153 33.00 17.55 -33.94
N GLU B 154 32.04 16.75 -34.38
CA GLU B 154 32.10 16.15 -35.72
C GLU B 154 31.50 16.85 -36.91
N GLN B 155 30.29 17.41 -36.77
CA GLN B 155 29.63 18.08 -37.89
C GLN B 155 28.18 18.42 -37.52
N TRP B 156 27.64 19.48 -38.09
CA TRP B 156 26.24 19.82 -37.80
C TRP B 156 25.42 19.85 -39.08
N ALA B 157 25.24 18.68 -39.68
CA ALA B 157 24.48 18.55 -40.92
C ALA B 157 23.26 17.69 -40.75
N LYS B 158 22.41 17.65 -41.78
CA LYS B 158 21.21 16.85 -41.75
C LYS B 158 21.55 15.38 -41.99
N ASP B 159 22.29 15.12 -43.05
CA ASP B 159 22.68 13.75 -43.39
C ASP B 159 23.66 13.14 -42.38
N ALA B 160 23.96 13.88 -41.32
CA ALA B 160 24.86 13.40 -40.28
C ALA B 160 24.43 12.05 -39.73
N ARG B 161 25.38 11.13 -39.62
CA ARG B 161 25.12 9.79 -39.10
C ARG B 161 26.03 9.55 -37.88
N PRO B 162 25.50 9.78 -36.67
CA PRO B 162 26.18 9.62 -35.39
C PRO B 162 26.68 8.22 -35.05
N ARG B 163 27.74 8.18 -34.24
CA ARG B 163 28.33 6.94 -33.78
C ARG B 163 28.28 6.88 -32.27
N HIS B 164 28.85 5.82 -31.73
CA HIS B 164 28.89 5.62 -30.29
C HIS B 164 29.98 6.51 -29.71
N ASP B 165 30.92 6.90 -30.56
CA ASP B 165 32.04 7.74 -30.15
C ASP B 165 31.74 9.21 -30.41
N SER B 166 30.92 9.44 -31.44
CA SER B 166 30.53 10.79 -31.87
C SER B 166 30.37 11.82 -30.74
N PHE B 167 30.30 13.08 -31.12
CA PHE B 167 30.15 14.17 -30.17
C PHE B 167 30.00 15.51 -30.87
N TYR B 168 28.76 15.97 -31.06
CA TYR B 168 28.52 17.24 -31.74
C TYR B 168 28.28 18.34 -30.71
N GLY B 169 28.57 18.02 -29.45
CA GLY B 169 28.41 18.96 -28.34
C GLY B 169 27.50 20.16 -28.48
N GLY B 170 26.27 20.03 -27.97
CA GLY B 170 25.33 21.14 -28.00
C GLY B 170 25.25 21.69 -26.58
N ASP B 171 24.77 22.90 -26.39
CA ASP B 171 24.70 23.47 -25.04
C ASP B 171 23.40 24.16 -24.66
N LEU B 172 23.45 24.91 -23.57
CA LEU B 172 22.30 25.63 -23.05
C LEU B 172 21.96 26.87 -23.85
N LYS B 173 22.97 27.66 -24.19
CA LYS B 173 22.73 28.88 -24.96
C LYS B 173 21.90 28.45 -26.15
N GLY B 174 22.27 27.29 -26.71
CA GLY B 174 21.55 26.76 -27.85
C GLY B 174 20.08 26.73 -27.49
N VAL B 175 19.79 26.16 -26.32
CA VAL B 175 18.44 26.05 -25.80
C VAL B 175 17.86 27.47 -25.62
N ILE B 176 18.61 28.36 -24.99
CA ILE B 176 18.16 29.73 -24.76
C ILE B 176 17.73 30.41 -26.05
N ASP B 177 18.55 30.24 -27.09
CA ASP B 177 18.28 30.86 -28.38
C ASP B 177 17.14 30.25 -29.18
N ARG B 178 16.77 29.01 -28.86
CA ARG B 178 15.70 28.30 -29.60
C ARG B 178 14.27 28.43 -29.05
N LEU B 179 14.14 28.95 -27.84
CA LEU B 179 12.84 29.09 -27.20
C LEU B 179 11.74 29.58 -28.13
N PRO B 180 11.98 30.64 -28.93
CA PRO B 180 10.93 31.12 -29.83
C PRO B 180 10.31 29.98 -30.60
N TYR B 181 11.15 29.02 -30.96
CA TYR B 181 10.73 27.83 -31.70
C TYR B 181 9.89 26.95 -30.77
N LEU B 182 10.46 26.67 -29.61
CA LEU B 182 9.80 25.85 -28.61
C LEU B 182 8.48 26.48 -28.20
N GLU B 183 8.46 27.79 -28.07
CA GLU B 183 7.24 28.49 -27.70
C GLU B 183 6.25 28.40 -28.84
N GLU B 184 6.70 28.65 -30.05
CA GLU B 184 5.79 28.59 -31.20
C GLU B 184 5.11 27.23 -31.26
N LEU B 185 5.84 26.19 -30.84
CA LEU B 185 5.33 24.81 -30.85
C LEU B 185 4.15 24.63 -29.91
N GLY B 186 4.20 25.32 -28.78
CA GLY B 186 3.13 25.22 -27.80
C GLY B 186 3.60 24.51 -26.54
N VAL B 187 4.85 24.04 -26.54
CA VAL B 187 5.42 23.35 -25.41
C VAL B 187 5.34 24.21 -24.16
N THR B 188 5.00 23.58 -23.04
CA THR B 188 4.83 24.26 -21.76
C THR B 188 5.86 23.95 -20.69
N ALA B 189 6.85 23.11 -21.03
CA ALA B 189 7.89 22.75 -20.08
C ALA B 189 8.96 21.86 -20.71
N LEU B 190 10.21 22.15 -20.38
CA LEU B 190 11.32 21.39 -20.94
C LEU B 190 11.90 20.38 -19.98
N TYR B 191 12.07 19.15 -20.46
CA TYR B 191 12.61 18.06 -19.68
C TYR B 191 14.04 17.80 -20.14
N PHE B 192 15.00 18.29 -19.36
CA PHE B 192 16.42 18.15 -19.67
C PHE B 192 17.01 16.87 -19.13
N THR B 193 17.59 16.07 -20.02
CA THR B 193 18.24 14.82 -19.63
C THR B 193 19.36 15.25 -18.69
N PRO B 194 20.13 14.30 -18.14
CA PRO B 194 21.19 14.76 -17.23
C PRO B 194 22.11 15.82 -17.83
N ILE B 195 22.32 16.90 -17.10
CA ILE B 195 23.20 17.97 -17.56
C ILE B 195 24.18 18.38 -16.46
N PHE B 196 24.20 17.60 -15.38
CA PHE B 196 25.09 17.87 -14.27
C PHE B 196 26.54 17.64 -14.68
N ALA B 197 27.46 18.35 -14.04
CA ALA B 197 28.88 18.23 -14.32
C ALA B 197 29.36 16.79 -14.20
N SER B 198 29.71 16.18 -15.32
CA SER B 198 30.17 14.81 -15.33
C SER B 198 30.99 14.45 -16.56
N PRO B 199 32.12 13.74 -16.35
CA PRO B 199 33.01 13.32 -17.44
C PRO B 199 32.51 12.03 -18.06
N SER B 200 31.64 12.15 -19.08
CA SER B 200 31.07 10.98 -19.73
C SER B 200 30.25 11.34 -20.97
N HIS B 201 30.10 10.37 -21.87
CA HIS B 201 29.31 10.57 -23.08
C HIS B 201 27.83 10.42 -22.74
N HIS B 202 27.57 10.07 -21.49
CA HIS B 202 26.21 9.92 -20.95
C HIS B 202 26.26 10.27 -19.46
N LYS B 203 25.94 11.51 -19.13
CA LYS B 203 25.98 11.96 -17.75
C LYS B 203 25.05 11.24 -16.78
N TYR B 204 24.72 9.98 -17.07
CA TYR B 204 23.84 9.20 -16.21
C TYR B 204 24.65 8.53 -15.11
N ASP B 205 25.74 9.20 -14.73
CA ASP B 205 26.66 8.77 -13.69
C ASP B 205 27.28 10.02 -13.08
N THR B 206 26.40 10.95 -12.68
CA THR B 206 26.80 12.24 -12.11
C THR B 206 28.14 12.18 -11.37
N ALA B 207 28.96 13.20 -11.59
CA ALA B 207 30.26 13.27 -10.93
C ALA B 207 30.28 14.46 -9.98
N ASP B 208 29.31 15.35 -10.15
CA ASP B 208 29.21 16.53 -9.30
C ASP B 208 27.79 17.09 -9.33
N TYR B 209 27.01 16.80 -8.27
CA TYR B 209 25.64 17.27 -8.18
C TYR B 209 25.52 18.70 -7.66
N LEU B 210 26.31 19.63 -8.20
CA LEU B 210 26.25 21.02 -7.76
C LEU B 210 26.79 22.00 -8.80
N ALA B 211 27.03 21.50 -10.02
CA ALA B 211 27.56 22.37 -11.07
C ALA B 211 27.21 21.90 -12.48
N ILE B 212 26.81 22.85 -13.32
CA ILE B 212 26.46 22.56 -14.71
C ILE B 212 27.66 21.95 -15.43
N ASP B 213 27.47 20.80 -16.09
CA ASP B 213 28.57 20.16 -16.80
C ASP B 213 29.31 21.16 -17.69
N PRO B 214 30.62 20.95 -17.90
CA PRO B 214 31.45 21.82 -18.73
C PRO B 214 30.81 22.21 -20.07
N GLN B 215 30.84 21.28 -21.01
CA GLN B 215 30.30 21.46 -22.36
C GLN B 215 28.90 22.03 -22.53
N PHE B 216 28.16 22.21 -21.45
CA PHE B 216 26.81 22.75 -21.57
C PHE B 216 26.72 24.22 -21.17
N GLY B 217 27.50 24.62 -20.17
CA GLY B 217 27.48 26.01 -19.74
C GLY B 217 27.84 26.23 -18.28
N ASP B 218 27.24 27.24 -17.67
CA ASP B 218 27.49 27.58 -16.28
C ASP B 218 26.23 28.09 -15.59
N LEU B 219 26.29 28.24 -14.27
CA LEU B 219 25.15 28.69 -13.47
C LEU B 219 24.38 29.92 -14.00
N PRO B 220 25.10 31.04 -14.27
CA PRO B 220 24.43 32.25 -14.78
C PRO B 220 23.71 31.98 -16.08
N THR B 221 24.23 31.02 -16.85
CA THR B 221 23.63 30.63 -18.12
C THR B 221 22.36 29.80 -17.88
N PHE B 222 22.41 28.93 -16.88
CA PHE B 222 21.27 28.10 -16.53
C PHE B 222 20.16 29.07 -16.13
N ARG B 223 20.49 30.00 -15.25
CA ARG B 223 19.53 31.01 -14.80
C ARG B 223 18.92 31.81 -15.94
N ARG B 224 19.74 32.13 -16.94
CA ARG B 224 19.27 32.88 -18.10
C ARG B 224 18.15 32.07 -18.76
N LEU B 225 18.40 30.78 -18.91
CA LEU B 225 17.44 29.85 -19.50
C LEU B 225 16.14 29.84 -18.68
N VAL B 226 16.26 29.62 -17.37
CA VAL B 226 15.12 29.60 -16.45
C VAL B 226 14.21 30.80 -16.67
N ASP B 227 14.78 32.00 -16.59
CA ASP B 227 13.99 33.22 -16.79
C ASP B 227 13.43 33.33 -18.19
N GLU B 228 14.31 33.28 -19.19
CA GLU B 228 13.86 33.40 -20.56
C GLU B 228 12.85 32.34 -20.95
N ALA B 229 12.89 31.22 -20.26
CA ALA B 229 11.95 30.14 -20.52
C ALA B 229 10.70 30.37 -19.68
N HIS B 230 10.88 30.95 -18.49
CA HIS B 230 9.77 31.21 -17.60
C HIS B 230 8.88 32.32 -18.12
N ARG B 231 9.48 33.37 -18.65
CA ARG B 231 8.70 34.47 -19.17
C ARG B 231 8.02 34.09 -20.46
N ARG B 232 8.29 32.87 -20.90
CA ARG B 232 7.72 32.37 -22.14
C ARG B 232 6.53 31.46 -21.83
N GLY B 233 6.42 31.07 -20.57
CA GLY B 233 5.35 30.17 -20.14
C GLY B 233 5.83 28.72 -20.07
N ILE B 234 7.15 28.54 -20.17
CA ILE B 234 7.77 27.23 -20.15
C ILE B 234 8.45 26.90 -18.82
N LYS B 235 8.29 25.66 -18.33
CA LYS B 235 8.90 25.23 -17.08
C LYS B 235 10.21 24.49 -17.33
N ILE B 236 10.85 24.01 -16.27
CA ILE B 236 12.11 23.28 -16.41
C ILE B 236 12.23 22.08 -15.45
N ILE B 237 12.19 20.87 -16.00
CA ILE B 237 12.33 19.64 -15.21
C ILE B 237 13.70 19.02 -15.44
N LEU B 238 14.50 18.92 -14.37
CA LEU B 238 15.83 18.34 -14.46
C LEU B 238 15.89 16.91 -13.99
N ASP B 239 16.33 16.04 -14.90
CA ASP B 239 16.46 14.62 -14.61
C ASP B 239 17.44 14.45 -13.45
N ALA B 240 17.10 13.62 -12.46
CA ALA B 240 17.98 13.42 -11.31
C ALA B 240 18.24 11.94 -10.98
N VAL B 241 19.51 11.54 -11.10
CA VAL B 241 19.93 10.17 -10.79
C VAL B 241 20.42 10.15 -9.34
N PHE B 242 19.68 9.46 -8.48
CA PHE B 242 20.05 9.38 -7.07
C PHE B 242 20.29 7.96 -6.66
N ASN B 243 20.07 7.05 -7.58
CA ASN B 243 20.28 5.64 -7.28
C ASN B 243 21.75 5.38 -7.02
N HIS B 244 22.59 5.88 -7.91
CA HIS B 244 24.04 5.72 -7.82
C HIS B 244 24.72 7.03 -8.19
N ALA B 245 26.05 7.03 -8.19
CA ALA B 245 26.82 8.22 -8.55
C ALA B 245 27.95 7.83 -9.51
N GLY B 246 28.66 8.83 -10.03
CA GLY B 246 29.77 8.57 -10.93
C GLY B 246 31.03 8.37 -10.13
N ASP B 247 31.91 7.48 -10.59
CA ASP B 247 33.15 7.20 -9.86
C ASP B 247 34.04 8.41 -9.60
N GLN B 248 33.74 9.54 -10.22
CA GLN B 248 34.54 10.73 -10.01
C GLN B 248 33.91 11.57 -8.89
N PHE B 249 32.66 11.26 -8.57
CA PHE B 249 31.91 11.95 -7.52
C PHE B 249 32.75 12.28 -6.29
N PHE B 250 32.58 13.51 -5.79
CA PHE B 250 33.30 14.03 -4.63
C PHE B 250 33.44 13.11 -3.42
N ALA B 251 32.33 12.81 -2.76
CA ALA B 251 32.36 11.97 -1.56
C ALA B 251 32.91 10.56 -1.81
N PHE B 252 32.90 10.11 -3.06
CA PHE B 252 33.38 8.77 -3.34
C PHE B 252 34.89 8.73 -3.43
N ARG B 253 35.47 9.81 -3.95
CA ARG B 253 36.92 9.88 -4.09
C ARG B 253 37.59 9.82 -2.73
N ASP B 254 37.19 10.72 -1.84
CA ASP B 254 37.75 10.77 -0.49
C ASP B 254 37.66 9.40 0.21
N VAL B 255 37.17 8.39 -0.51
CA VAL B 255 37.05 7.05 0.04
C VAL B 255 38.02 6.12 -0.68
N LEU B 256 38.29 6.42 -1.94
CA LEU B 256 39.20 5.61 -2.74
C LEU B 256 40.64 5.82 -2.26
N GLN B 257 41.02 7.09 -2.14
CA GLN B 257 42.34 7.51 -1.70
C GLN B 257 42.60 7.03 -0.26
N LYS B 258 41.54 7.00 0.54
CA LYS B 258 41.59 6.55 1.93
C LYS B 258 41.02 5.14 2.01
N GLY B 259 39.69 5.07 2.20
CA GLY B 259 39.00 3.80 2.30
C GLY B 259 38.37 3.63 3.65
N GLU B 260 38.72 2.55 4.33
CA GLU B 260 38.22 2.26 5.66
C GLU B 260 38.67 3.43 6.54
N GLN B 261 39.55 4.26 5.98
CA GLN B 261 40.07 5.43 6.67
C GLN B 261 39.40 6.66 6.06
N SER B 262 38.15 6.50 5.63
CA SER B 262 37.40 7.61 5.02
C SER B 262 36.04 7.86 5.63
N ARG B 263 35.74 9.13 5.86
CA ARG B 263 34.47 9.55 6.45
C ARG B 263 33.29 9.19 5.55
N TYR B 264 33.56 8.69 4.34
CA TYR B 264 32.47 8.37 3.41
C TYR B 264 32.41 6.92 2.96
N LYS B 265 33.00 6.00 3.71
CA LYS B 265 32.97 4.59 3.31
C LYS B 265 31.59 3.99 3.54
N ASP B 266 30.69 4.80 4.08
CA ASP B 266 29.33 4.38 4.39
C ASP B 266 28.35 4.66 3.25
N TRP B 267 28.46 5.85 2.68
CA TRP B 267 27.60 6.29 1.60
C TRP B 267 27.45 5.28 0.47
N PHE B 268 28.24 4.21 0.50
CA PHE B 268 28.18 3.16 -0.52
C PHE B 268 28.43 1.83 0.17
N PHE B 269 27.99 0.73 -0.43
CA PHE B 269 28.19 -0.59 0.16
C PHE B 269 29.03 -1.53 -0.71
N ILE B 270 30.34 -1.36 -0.65
CA ILE B 270 31.27 -2.18 -1.42
C ILE B 270 31.13 -3.65 -1.04
N GLU B 271 32.09 -4.47 -1.49
CA GLU B 271 32.08 -5.90 -1.17
C GLU B 271 33.27 -6.25 -0.28
N ASP B 272 34.46 -5.87 -0.71
CA ASP B 272 35.67 -6.14 0.07
C ASP B 272 36.89 -5.32 -0.36
N PHE B 273 37.97 -5.50 0.39
CA PHE B 273 39.24 -4.81 0.17
C PHE B 273 39.97 -5.23 -1.11
N PRO B 274 40.84 -4.35 -1.63
CA PRO B 274 41.13 -3.04 -1.05
C PRO B 274 40.03 -2.02 -1.41
N VAL B 275 40.12 -0.82 -0.83
CA VAL B 275 39.14 0.24 -1.11
C VAL B 275 39.36 0.71 -2.55
N SER B 276 40.12 -0.08 -3.29
CA SER B 276 40.46 0.19 -4.68
C SER B 276 40.36 -1.12 -5.48
N LYS B 277 39.22 -1.32 -6.15
CA LYS B 277 38.98 -2.51 -6.97
C LYS B 277 38.17 -2.13 -8.21
N THR B 278 38.72 -1.21 -8.99
CA THR B 278 38.11 -0.70 -10.21
C THR B 278 37.82 -1.74 -11.28
N SER B 279 38.65 -2.79 -11.37
CA SER B 279 38.47 -3.84 -12.37
C SER B 279 37.40 -4.87 -11.99
N ARG B 280 37.82 -5.94 -11.32
CA ARG B 280 36.89 -7.00 -10.89
C ARG B 280 35.96 -6.45 -9.80
N THR B 281 35.17 -5.44 -10.15
CA THR B 281 34.23 -4.76 -9.25
C THR B 281 33.98 -5.48 -7.91
N ASN B 282 34.38 -4.86 -6.81
CA ASN B 282 34.16 -5.50 -5.52
C ASN B 282 32.66 -5.78 -5.36
N TYR B 283 31.83 -4.73 -5.20
CA TYR B 283 30.39 -4.97 -5.08
C TYR B 283 29.49 -4.21 -6.05
N GLU B 284 28.23 -4.61 -6.06
CA GLU B 284 27.18 -4.08 -6.92
C GLU B 284 27.21 -2.64 -7.39
N THR B 285 26.73 -2.47 -8.61
CA THR B 285 26.61 -1.21 -9.31
C THR B 285 25.50 -1.45 -10.34
N PHE B 286 25.22 -0.46 -11.19
CA PHE B 286 24.18 -0.54 -12.22
C PHE B 286 23.80 -1.94 -12.79
N ALA B 287 24.59 -2.46 -13.73
CA ALA B 287 24.29 -3.76 -14.37
C ALA B 287 25.14 -4.96 -13.90
N VAL B 288 26.40 -4.97 -14.33
CA VAL B 288 27.38 -6.02 -14.00
C VAL B 288 28.77 -5.40 -14.13
N GLN B 289 29.20 -5.15 -15.37
CA GLN B 289 30.49 -4.52 -15.63
C GLN B 289 30.27 -3.02 -15.55
N VAL B 290 29.84 -2.52 -14.40
CA VAL B 290 29.60 -1.09 -14.28
C VAL B 290 30.38 -0.37 -13.17
N PRO B 291 31.73 -0.45 -13.19
CA PRO B 291 32.57 0.21 -12.19
C PRO B 291 32.73 1.69 -12.58
N ALA B 292 31.69 2.24 -13.19
CA ALA B 292 31.66 3.63 -13.64
C ALA B 292 30.71 4.40 -12.72
N MET B 293 29.86 3.66 -12.03
CA MET B 293 28.89 4.24 -11.11
C MET B 293 28.56 3.29 -9.96
N PRO B 294 28.90 3.67 -8.72
CA PRO B 294 28.64 2.89 -7.50
C PRO B 294 27.32 3.28 -6.84
N LYS B 295 26.58 2.29 -6.33
CA LYS B 295 25.30 2.57 -5.70
C LYS B 295 25.34 3.35 -4.40
N LEU B 296 24.56 4.43 -4.37
CA LEU B 296 24.43 5.29 -3.20
C LEU B 296 23.62 4.56 -2.14
N ARG B 297 23.62 5.11 -0.92
CA ARG B 297 22.89 4.50 0.18
C ARG B 297 21.92 5.50 0.77
N THR B 298 20.73 5.55 0.18
CA THR B 298 19.67 6.46 0.60
C THR B 298 19.17 6.16 2.01
N GLU B 299 19.43 4.95 2.51
CA GLU B 299 19.00 4.59 3.86
C GLU B 299 19.89 5.32 4.87
N ASN B 300 21.00 5.86 4.40
CA ASN B 300 21.93 6.60 5.27
C ASN B 300 21.47 8.05 5.25
N PRO B 301 21.36 8.69 6.43
CA PRO B 301 20.93 10.07 6.57
C PRO B 301 21.89 11.16 6.04
N GLU B 302 23.17 10.83 5.91
CA GLU B 302 24.15 11.79 5.37
C GLU B 302 23.97 11.82 3.86
N VAL B 303 23.61 10.66 3.32
CA VAL B 303 23.37 10.48 1.90
C VAL B 303 22.07 11.18 1.57
N LYS B 304 21.15 11.13 2.53
CA LYS B 304 19.85 11.75 2.38
C LYS B 304 20.01 13.27 2.46
N GLU B 305 20.66 13.74 3.51
CA GLU B 305 20.85 15.17 3.69
C GLU B 305 21.54 15.80 2.48
N TYR B 306 22.53 15.10 1.94
CA TYR B 306 23.25 15.62 0.78
C TYR B 306 22.32 15.72 -0.41
N LEU B 307 21.82 14.57 -0.86
CA LEU B 307 20.92 14.49 -2.00
C LEU B 307 19.76 15.45 -1.87
N PHE B 308 19.33 15.70 -0.64
CA PHE B 308 18.24 16.64 -0.42
C PHE B 308 18.79 18.04 -0.62
N ASP B 309 19.91 18.33 0.04
CA ASP B 309 20.54 19.63 -0.07
C ASP B 309 20.80 19.88 -1.55
N VAL B 310 21.21 18.82 -2.23
CA VAL B 310 21.48 18.88 -3.66
C VAL B 310 20.24 19.40 -4.36
N ALA B 311 19.10 18.80 -4.03
CA ALA B 311 17.82 19.19 -4.61
C ALA B 311 17.42 20.61 -4.21
N ARG B 312 17.75 21.02 -2.98
CA ARG B 312 17.41 22.37 -2.52
C ARG B 312 18.04 23.38 -3.46
N PHE B 313 19.32 23.15 -3.76
CA PHE B 313 20.10 24.01 -4.63
C PHE B 313 19.52 24.15 -6.04
N TRP B 314 19.43 23.04 -6.77
CA TRP B 314 18.89 23.09 -8.11
C TRP B 314 17.47 23.64 -8.13
N MET B 315 16.75 23.47 -7.04
CA MET B 315 15.39 23.99 -6.95
C MET B 315 15.51 25.45 -6.55
N GLU B 316 16.73 25.86 -6.23
CA GLU B 316 17.02 27.22 -5.83
C GLU B 316 17.12 28.05 -7.10
N GLN B 317 17.65 27.45 -8.15
CA GLN B 317 17.77 28.14 -9.42
C GLN B 317 16.38 28.57 -9.83
N GLY B 318 15.42 27.70 -9.56
CA GLY B 318 14.05 28.00 -9.90
C GLY B 318 13.45 26.98 -10.83
N ILE B 319 14.01 25.77 -10.88
CA ILE B 319 13.45 24.73 -11.77
C ILE B 319 11.99 24.49 -11.40
N ASP B 320 11.41 23.42 -11.93
CA ASP B 320 10.01 23.16 -11.63
C ASP B 320 9.71 21.71 -11.25
N GLY B 321 10.61 20.80 -11.59
CA GLY B 321 10.36 19.41 -11.27
C GLY B 321 11.54 18.49 -11.41
N TRP B 322 11.36 17.25 -10.98
CA TRP B 322 12.40 16.26 -11.06
C TRP B 322 11.87 15.03 -11.75
N ARG B 323 12.75 14.35 -12.48
CA ARG B 323 12.40 13.13 -13.17
C ARG B 323 13.32 12.12 -12.51
N LEU B 324 12.78 11.37 -11.55
CA LEU B 324 13.55 10.38 -10.81
C LEU B 324 14.01 9.21 -11.65
N ASN B 325 15.33 9.09 -11.78
CA ASN B 325 15.91 8.02 -12.57
C ASN B 325 16.08 6.73 -11.78
N VAL B 326 15.72 5.61 -12.39
CA VAL B 326 15.84 4.29 -11.78
C VAL B 326 15.26 4.30 -10.35
N ALA B 327 14.40 5.29 -10.10
CA ALA B 327 13.75 5.49 -8.80
C ALA B 327 13.41 4.23 -8.01
N ASN B 328 12.70 3.31 -8.64
CA ASN B 328 12.27 2.07 -7.99
C ASN B 328 13.30 1.41 -7.09
N GLU B 329 14.57 1.72 -7.30
CA GLU B 329 15.64 1.14 -6.50
C GLU B 329 16.00 1.97 -5.27
N VAL B 330 15.13 2.91 -4.93
CA VAL B 330 15.33 3.78 -3.78
C VAL B 330 14.23 3.55 -2.73
N ASP B 331 14.63 3.49 -1.46
CA ASP B 331 13.68 3.28 -0.37
C ASP B 331 12.55 4.31 -0.33
N HIS B 332 11.33 3.84 -0.12
CA HIS B 332 10.17 4.71 -0.06
C HIS B 332 10.36 5.74 1.02
N ALA B 333 11.10 5.34 2.04
CA ALA B 333 11.39 6.23 3.14
C ALA B 333 11.92 7.51 2.53
N PHE B 334 13.01 7.40 1.78
CA PHE B 334 13.62 8.54 1.13
C PHE B 334 12.59 9.29 0.31
N TRP B 335 12.05 8.63 -0.72
CA TRP B 335 11.04 9.22 -1.60
C TRP B 335 9.93 9.98 -0.89
N ARG B 336 9.40 9.37 0.18
CA ARG B 336 8.32 9.97 0.93
C ARG B 336 8.71 11.30 1.57
N GLU B 337 9.93 11.41 2.08
CA GLU B 337 10.39 12.65 2.72
C GLU B 337 10.89 13.63 1.67
N PHE B 338 11.39 13.08 0.57
CA PHE B 338 11.88 13.86 -0.56
C PHE B 338 10.73 14.72 -1.08
N ARG B 339 9.58 14.09 -1.27
CA ARG B 339 8.41 14.81 -1.76
C ARG B 339 8.12 15.98 -0.85
N ARG B 340 8.01 15.69 0.44
CA ARG B 340 7.69 16.74 1.41
C ARG B 340 8.70 17.89 1.46
N LEU B 341 9.90 17.66 0.93
CA LEU B 341 10.91 18.72 0.87
C LEU B 341 10.62 19.55 -0.37
N VAL B 342 10.60 18.87 -1.51
CA VAL B 342 10.33 19.54 -2.77
C VAL B 342 9.02 20.33 -2.67
N LYS B 343 7.94 19.66 -2.32
CA LYS B 343 6.66 20.33 -2.21
C LYS B 343 6.75 21.50 -1.24
N SER B 344 7.42 21.29 -0.12
CA SER B 344 7.59 22.34 0.88
C SER B 344 8.31 23.53 0.26
N LEU B 345 9.29 23.26 -0.61
CA LEU B 345 10.02 24.32 -1.30
C LEU B 345 9.09 24.94 -2.33
N ASN B 346 8.71 24.15 -3.34
CA ASN B 346 7.80 24.62 -4.37
C ASN B 346 6.57 23.74 -4.45
N PRO B 347 5.41 24.26 -4.03
CA PRO B 347 4.17 23.47 -4.07
C PRO B 347 3.84 22.94 -5.46
N ASP B 348 4.22 23.68 -6.49
CA ASP B 348 3.93 23.24 -7.85
C ASP B 348 5.04 22.42 -8.46
N ALA B 349 6.11 22.20 -7.70
CA ALA B 349 7.23 21.42 -8.22
C ALA B 349 6.71 20.00 -8.50
N LEU B 350 6.87 19.55 -9.74
CA LEU B 350 6.41 18.22 -10.11
C LEU B 350 7.49 17.17 -9.83
N ILE B 351 7.08 15.92 -9.63
CA ILE B 351 8.04 14.86 -9.41
C ILE B 351 7.56 13.70 -10.27
N VAL B 352 8.37 13.26 -11.22
CA VAL B 352 7.97 12.15 -12.06
C VAL B 352 8.96 11.02 -11.81
N GLY B 353 8.45 9.81 -11.70
CA GLY B 353 9.33 8.69 -11.47
C GLY B 353 9.53 7.90 -12.75
N GLU B 354 10.54 7.05 -12.75
CA GLU B 354 10.82 6.19 -13.88
C GLU B 354 10.94 4.82 -13.24
N ILE B 355 9.97 3.96 -13.54
CA ILE B 355 9.95 2.60 -13.03
C ILE B 355 9.41 1.78 -14.18
N TRP B 356 10.19 0.82 -14.66
CA TRP B 356 9.76 0.01 -15.77
C TRP B 356 9.02 -1.27 -15.39
N HIS B 357 8.10 -1.12 -14.45
CA HIS B 357 7.25 -2.21 -13.95
C HIS B 357 6.19 -1.58 -13.05
N ASP B 358 5.12 -2.30 -12.76
CA ASP B 358 4.04 -1.78 -11.94
C ASP B 358 4.54 -0.78 -10.88
N ALA B 359 4.24 0.49 -11.10
CA ALA B 359 4.69 1.54 -10.21
C ALA B 359 3.70 1.84 -9.10
N SER B 360 2.64 1.04 -9.02
CA SER B 360 1.64 1.25 -7.97
C SER B 360 2.28 1.00 -6.61
N GLY B 361 2.81 2.06 -6.02
CA GLY B 361 3.46 1.93 -4.74
C GLY B 361 4.09 3.26 -4.45
N TRP B 362 4.31 4.02 -5.53
CA TRP B 362 4.88 5.35 -5.45
C TRP B 362 3.82 6.31 -6.02
N LEU B 363 2.82 5.74 -6.69
CA LEU B 363 1.76 6.54 -7.29
C LEU B 363 0.54 6.57 -6.39
N MET B 364 0.79 6.73 -5.09
CA MET B 364 -0.27 6.78 -4.11
C MET B 364 -0.56 8.22 -3.68
N GLY B 365 0.37 9.13 -3.93
CA GLY B 365 0.14 10.51 -3.55
C GLY B 365 1.11 11.04 -2.52
N ASP B 366 1.67 10.16 -1.71
CA ASP B 366 2.62 10.56 -0.68
C ASP B 366 4.04 10.52 -1.25
N GLN B 367 4.18 10.31 -2.57
CA GLN B 367 5.50 10.24 -3.19
C GLN B 367 5.60 10.89 -4.58
N PHE B 368 5.61 10.14 -5.67
CA PHE B 368 5.69 10.80 -6.98
C PHE B 368 4.31 11.28 -7.44
N ASP B 369 4.28 12.21 -8.39
CA ASP B 369 3.02 12.69 -8.93
C ASP B 369 2.62 11.82 -10.12
N SER B 370 3.62 11.29 -10.81
CA SER B 370 3.41 10.42 -11.95
C SER B 370 4.73 9.76 -12.38
N VAL B 371 4.64 8.82 -13.30
CA VAL B 371 5.82 8.11 -13.80
C VAL B 371 5.76 8.11 -15.31
N MET B 372 6.79 7.56 -15.96
CA MET B 372 6.83 7.49 -17.41
C MET B 372 5.92 6.36 -17.80
N ASN B 373 4.88 6.67 -18.55
CA ASN B 373 3.94 5.65 -18.97
C ASN B 373 4.50 4.76 -20.07
N TYR B 374 5.22 3.71 -19.69
CA TYR B 374 5.80 2.79 -20.68
C TYR B 374 4.74 1.90 -21.33
N LEU B 375 3.69 1.57 -20.59
CA LEU B 375 2.62 0.75 -21.14
C LEU B 375 1.96 1.47 -22.32
N PHE B 376 2.15 2.78 -22.38
CA PHE B 376 1.58 3.60 -23.44
C PHE B 376 2.41 3.46 -24.72
N ARG B 377 3.73 3.60 -24.58
CA ARG B 377 4.57 3.49 -25.76
C ARG B 377 4.51 2.10 -26.37
N GLU B 378 4.49 1.07 -25.54
CA GLU B 378 4.44 -0.28 -26.06
C GLU B 378 3.18 -0.45 -26.91
N SER B 379 2.03 -0.08 -26.36
CA SER B 379 0.76 -0.21 -27.09
C SER B 379 0.67 0.60 -28.38
N VAL B 380 1.04 1.89 -28.32
CA VAL B 380 0.98 2.73 -29.52
C VAL B 380 1.95 2.24 -30.60
N ILE B 381 3.15 1.84 -30.19
CA ILE B 381 4.18 1.33 -31.12
C ILE B 381 3.77 0.01 -31.77
N ARG B 382 3.02 -0.83 -31.05
CA ARG B 382 2.59 -2.10 -31.61
C ARG B 382 1.21 -1.98 -32.28
N PHE B 383 0.62 -0.78 -32.22
CA PHE B 383 -0.69 -0.55 -32.83
C PHE B 383 -0.56 0.32 -34.06
N PHE B 384 0.28 1.35 -33.97
CA PHE B 384 0.47 2.25 -35.09
C PHE B 384 1.68 1.90 -35.96
N ALA B 385 2.85 1.80 -35.32
CA ALA B 385 4.10 1.53 -36.03
C ALA B 385 4.30 0.16 -36.71
N THR B 386 4.20 -0.93 -35.95
CA THR B 386 4.40 -2.27 -36.51
C THR B 386 3.10 -2.89 -36.95
N GLY B 387 2.15 -3.00 -36.03
CA GLY B 387 0.86 -3.57 -36.39
C GLY B 387 0.62 -4.94 -35.78
N GLU B 388 1.32 -5.23 -34.68
CA GLU B 388 1.18 -6.52 -34.00
C GLU B 388 -0.18 -6.73 -33.32
N ILE B 389 -0.87 -5.66 -32.94
CA ILE B 389 -2.20 -5.77 -32.32
C ILE B 389 -3.24 -4.90 -33.02
N HIS B 390 -4.52 -5.25 -32.82
CA HIS B 390 -5.63 -4.53 -33.44
C HIS B 390 -6.44 -3.75 -32.41
N ALA B 391 -7.18 -2.77 -32.89
CA ALA B 391 -7.99 -1.91 -32.04
C ALA B 391 -8.44 -2.56 -30.74
N GLU B 392 -8.89 -3.81 -30.81
CA GLU B 392 -9.38 -4.49 -29.63
C GLU B 392 -8.37 -4.85 -28.55
N ARG B 393 -7.14 -5.17 -28.95
CA ARG B 393 -6.08 -5.50 -27.99
C ARG B 393 -5.51 -4.16 -27.52
N PHE B 394 -5.29 -3.26 -28.48
CA PHE B 394 -4.79 -1.93 -28.19
C PHE B 394 -5.75 -1.36 -27.15
N ASP B 395 -7.04 -1.65 -27.33
CA ASP B 395 -8.06 -1.18 -26.42
C ASP B 395 -7.91 -1.82 -25.06
N ALA B 396 -7.67 -3.13 -25.06
CA ALA B 396 -7.51 -3.86 -23.81
C ALA B 396 -6.37 -3.24 -23.03
N GLU B 397 -5.18 -3.24 -23.62
CA GLU B 397 -3.99 -2.70 -22.97
C GLU B 397 -4.21 -1.29 -22.42
N LEU B 398 -4.72 -0.40 -23.27
CA LEU B 398 -5.01 0.97 -22.87
C LEU B 398 -5.86 1.03 -21.61
N THR B 399 -6.92 0.22 -21.59
CA THR B 399 -7.86 0.15 -20.47
C THR B 399 -7.31 -0.44 -19.18
N ARG B 400 -6.45 -1.45 -19.30
CA ARG B 400 -5.88 -2.12 -18.14
C ARG B 400 -4.93 -1.18 -17.39
N ALA B 401 -3.98 -0.61 -18.12
CA ALA B 401 -2.99 0.29 -17.54
C ALA B 401 -3.63 1.50 -16.86
N ARG B 402 -4.72 2.01 -17.43
CA ARG B 402 -5.42 3.16 -16.85
C ARG B 402 -5.91 2.83 -15.45
N MET B 403 -6.42 1.62 -15.30
CA MET B 403 -6.96 1.12 -14.03
C MET B 403 -5.90 0.80 -12.99
N LEU B 404 -4.64 0.81 -13.39
CA LEU B 404 -3.52 0.50 -12.50
C LEU B 404 -3.37 1.38 -11.26
N TYR B 405 -3.44 2.69 -11.46
CA TYR B 405 -3.25 3.64 -10.38
C TYR B 405 -4.46 4.55 -10.21
N PRO B 406 -4.45 5.37 -9.13
CA PRO B 406 -5.55 6.31 -8.85
C PRO B 406 -5.59 7.39 -9.93
N GLU B 407 -6.79 7.77 -10.34
CA GLU B 407 -6.95 8.79 -11.40
C GLU B 407 -5.97 9.95 -11.35
N GLN B 408 -5.70 10.47 -10.16
CA GLN B 408 -4.76 11.57 -10.07
C GLN B 408 -3.45 11.23 -10.78
N ALA B 409 -2.90 10.05 -10.50
CA ALA B 409 -1.65 9.65 -11.13
C ALA B 409 -1.83 9.33 -12.62
N ALA B 410 -2.91 8.67 -12.95
CA ALA B 410 -3.16 8.28 -14.32
C ALA B 410 -3.18 9.47 -15.27
N GLN B 411 -3.70 10.58 -14.78
CA GLN B 411 -3.84 11.80 -15.57
C GLN B 411 -2.54 12.57 -15.80
N GLY B 412 -1.54 12.34 -14.95
CA GLY B 412 -0.29 13.05 -15.10
C GLY B 412 0.79 12.20 -15.74
N LEU B 413 0.48 10.95 -16.01
CA LEU B 413 1.46 10.07 -16.61
C LEU B 413 2.05 10.68 -17.88
N TRP B 414 3.36 10.49 -18.05
CA TRP B 414 4.10 10.96 -19.23
C TRP B 414 4.00 9.90 -20.33
N ASN B 415 3.27 10.25 -21.39
CA ASN B 415 3.08 9.36 -22.53
C ASN B 415 4.05 9.67 -23.64
N LEU B 416 5.12 8.89 -23.71
CA LEU B 416 6.15 9.07 -24.72
C LEU B 416 5.99 8.13 -25.90
N LEU B 417 6.61 8.49 -27.00
CA LEU B 417 6.56 7.69 -28.21
C LEU B 417 7.93 7.06 -28.40
N ASP B 418 8.96 7.81 -27.98
CA ASP B 418 10.33 7.37 -28.12
C ASP B 418 11.27 8.18 -27.23
N SER B 419 12.46 7.67 -27.00
CA SER B 419 13.44 8.37 -26.19
C SER B 419 14.82 8.32 -26.83
N HIS B 420 15.82 8.82 -26.12
CA HIS B 420 17.18 8.83 -26.65
C HIS B 420 17.78 7.44 -26.64
N ASN B 421 16.99 6.48 -26.20
CA ASN B 421 17.43 5.10 -26.11
C ASN B 421 16.56 4.26 -27.03
N THR B 422 15.86 4.92 -27.95
CA THR B 422 14.98 4.20 -28.85
C THR B 422 14.80 4.92 -30.17
N GLU B 423 14.81 4.14 -31.25
CA GLU B 423 14.64 4.71 -32.58
C GLU B 423 13.41 5.60 -32.62
N ARG B 424 13.45 6.66 -33.42
CA ARG B 424 12.32 7.55 -33.55
C ARG B 424 11.08 6.75 -33.94
N PHE B 425 9.90 7.28 -33.62
CA PHE B 425 8.65 6.59 -33.90
C PHE B 425 8.35 6.51 -35.39
N LEU B 426 8.95 7.40 -36.17
CA LEU B 426 8.72 7.39 -37.60
C LEU B 426 9.41 6.14 -38.13
N THR B 427 10.68 5.97 -37.76
CA THR B 427 11.44 4.80 -38.18
C THR B 427 10.63 3.56 -37.81
N SER B 428 10.01 3.59 -36.63
CA SER B 428 9.19 2.48 -36.16
C SER B 428 8.03 2.27 -37.13
N CYS B 429 7.52 3.37 -37.67
CA CYS B 429 6.40 3.30 -38.60
C CYS B 429 6.94 2.95 -39.99
N GLY B 430 8.26 2.77 -40.06
CA GLY B 430 8.89 2.44 -41.33
C GLY B 430 9.09 3.67 -42.17
N GLY B 431 8.54 4.80 -41.72
CA GLY B 431 8.66 6.04 -42.46
C GLY B 431 7.31 6.53 -42.95
N ASN B 432 6.27 5.79 -42.65
CA ASN B 432 4.93 6.17 -43.07
C ASN B 432 4.37 7.32 -42.23
N GLU B 433 4.55 8.55 -42.67
CA GLU B 433 4.05 9.72 -41.94
C GLU B 433 2.54 9.71 -41.77
N ALA B 434 1.85 8.84 -42.50
CA ALA B 434 0.40 8.76 -42.40
C ALA B 434 0.05 8.08 -41.09
N LYS B 435 0.89 7.13 -40.69
CA LYS B 435 0.70 6.42 -39.45
C LYS B 435 1.17 7.32 -38.33
N PHE B 436 2.46 7.62 -38.35
CA PHE B 436 3.06 8.49 -37.36
C PHE B 436 2.07 9.59 -36.94
N ARG B 437 1.37 10.16 -37.92
CA ARG B 437 0.42 11.22 -37.60
C ARG B 437 -0.79 10.75 -36.82
N LEU B 438 -1.33 9.59 -37.17
CA LEU B 438 -2.49 9.07 -36.45
C LEU B 438 -2.07 8.84 -35.00
N ALA B 439 -0.82 8.40 -34.83
CA ALA B 439 -0.26 8.19 -33.50
C ALA B 439 -0.28 9.50 -32.73
N VAL B 440 0.58 10.45 -33.12
CA VAL B 440 0.65 11.77 -32.46
C VAL B 440 -0.73 12.30 -32.17
N LEU B 441 -1.62 12.20 -33.17
CA LEU B 441 -2.98 12.65 -33.01
C LEU B 441 -3.55 11.99 -31.75
N PHE B 442 -3.33 10.69 -31.62
CA PHE B 442 -3.81 9.96 -30.45
C PHE B 442 -3.04 10.43 -29.21
N GLN B 443 -1.73 10.57 -29.36
CA GLN B 443 -0.93 11.01 -28.24
C GLN B 443 -1.51 12.31 -27.72
N MET B 444 -1.73 13.26 -28.63
CA MET B 444 -2.24 14.57 -28.27
C MET B 444 -3.67 14.63 -27.73
N THR B 445 -4.36 13.50 -27.63
CA THR B 445 -5.73 13.52 -27.10
C THR B 445 -5.97 12.56 -25.95
N TYR B 446 -5.15 11.53 -25.84
CA TYR B 446 -5.38 10.54 -24.79
C TYR B 446 -5.10 11.01 -23.37
N LEU B 447 -5.56 10.22 -22.41
CA LEU B 447 -5.38 10.51 -21.00
C LEU B 447 -3.90 10.46 -20.69
N GLY B 448 -3.40 11.51 -20.05
CA GLY B 448 -1.99 11.52 -19.71
C GLY B 448 -1.31 12.80 -20.16
N THR B 449 0.01 12.77 -20.25
CA THR B 449 0.74 13.96 -20.66
C THR B 449 1.68 13.69 -21.82
N PRO B 450 1.43 14.35 -22.97
CA PRO B 450 2.26 14.18 -24.16
C PRO B 450 3.69 14.66 -23.90
N LEU B 451 4.65 13.83 -24.30
CA LEU B 451 6.05 14.17 -24.16
C LEU B 451 6.58 14.07 -25.57
N ILE B 452 7.05 15.18 -26.12
CA ILE B 452 7.58 15.22 -27.48
C ILE B 452 9.10 15.10 -27.43
N TYR B 453 9.63 14.09 -28.11
CA TYR B 453 11.07 13.86 -28.18
C TYR B 453 11.67 14.83 -29.20
N TYR B 454 12.63 15.64 -28.78
CA TYR B 454 13.23 16.65 -29.66
C TYR B 454 13.41 16.17 -31.10
N GLY B 455 13.03 17.02 -32.05
CA GLY B 455 13.16 16.69 -33.45
C GLY B 455 11.96 16.03 -34.11
N ASP B 456 11.26 15.16 -33.38
CA ASP B 456 10.12 14.49 -33.96
C ASP B 456 9.04 15.43 -34.50
N GLU B 457 8.94 16.64 -33.94
CA GLU B 457 7.91 17.57 -34.38
C GLU B 457 8.17 18.20 -35.74
N ILE B 458 9.40 18.12 -36.21
CA ILE B 458 9.78 18.68 -37.51
C ILE B 458 10.19 17.62 -38.50
N GLY B 459 9.66 16.40 -38.32
CA GLY B 459 10.00 15.31 -39.21
C GLY B 459 11.46 15.02 -38.94
N MET B 460 11.79 13.78 -38.57
CA MET B 460 13.17 13.44 -38.29
C MET B 460 13.28 11.99 -37.86
N ALA B 461 13.74 11.14 -38.76
CA ALA B 461 13.87 9.71 -38.48
C ALA B 461 15.19 9.40 -37.77
N GLY B 462 15.43 8.10 -37.56
CA GLY B 462 16.64 7.68 -36.90
C GLY B 462 16.50 6.25 -36.40
N ALA B 463 17.63 5.59 -36.19
CA ALA B 463 17.64 4.21 -35.72
C ALA B 463 17.95 4.18 -34.22
N THR B 464 18.03 2.99 -33.65
CA THR B 464 18.32 2.83 -32.24
C THR B 464 19.70 3.39 -31.89
N ASP B 465 19.83 3.91 -30.67
CA ASP B 465 21.07 4.49 -30.16
C ASP B 465 22.32 4.01 -30.92
N PRO B 466 23.16 4.95 -31.41
CA PRO B 466 23.00 6.41 -31.30
C PRO B 466 22.50 7.12 -32.56
N ASP B 467 21.76 6.41 -33.41
CA ASP B 467 21.23 7.03 -34.63
C ASP B 467 19.93 7.78 -34.32
N CYS B 468 19.55 7.75 -33.05
CA CYS B 468 18.35 8.42 -32.57
C CYS B 468 18.79 9.72 -31.92
N ARG B 469 20.11 9.82 -31.70
CA ARG B 469 20.70 11.00 -31.08
C ARG B 469 21.31 11.92 -32.11
N ARG B 470 20.81 11.83 -33.35
CA ARG B 470 21.29 12.69 -34.43
C ARG B 470 21.10 14.15 -34.04
N PRO B 471 21.60 15.10 -34.83
CA PRO B 471 21.44 16.52 -34.48
C PRO B 471 20.05 17.07 -34.78
N MET B 472 19.79 18.26 -34.27
CA MET B 472 18.51 18.91 -34.50
C MET B 472 18.63 19.65 -35.84
N ILE B 473 17.73 19.37 -36.76
CA ILE B 473 17.72 19.97 -38.09
C ILE B 473 17.03 21.33 -38.15
N TRP B 474 17.78 22.39 -37.89
CA TRP B 474 17.22 23.74 -37.91
C TRP B 474 17.16 24.39 -39.29
N GLU B 475 17.42 23.62 -40.33
CA GLU B 475 17.36 24.17 -41.69
C GLU B 475 15.89 24.22 -42.06
N GLU B 476 15.30 25.41 -41.99
CA GLU B 476 13.89 25.59 -42.31
C GLU B 476 13.54 24.74 -43.53
N LYS B 477 14.56 24.47 -44.33
CA LYS B 477 14.42 23.69 -45.56
C LYS B 477 14.30 22.21 -45.27
N GLU B 478 15.21 21.69 -44.47
CA GLU B 478 15.22 20.27 -44.16
C GLU B 478 14.11 19.83 -43.20
N GLN B 479 13.32 20.78 -42.72
CA GLN B 479 12.26 20.45 -41.78
C GLN B 479 10.91 20.23 -42.43
N ASN B 480 10.15 19.28 -41.88
CA ASN B 480 8.81 18.97 -42.40
C ASN B 480 7.80 19.90 -41.73
N ARG B 481 7.85 21.18 -42.06
CA ARG B 481 6.92 22.14 -41.49
C ARG B 481 5.48 21.68 -41.69
N GLY B 482 5.29 20.72 -42.58
CA GLY B 482 3.96 20.20 -42.82
C GLY B 482 3.51 19.45 -41.59
N LEU B 483 4.48 18.82 -40.93
CA LEU B 483 4.19 18.06 -39.72
C LEU B 483 4.22 19.02 -38.53
N PHE B 484 5.29 19.80 -38.43
CA PHE B 484 5.44 20.77 -37.35
C PHE B 484 4.13 21.55 -37.21
N GLU B 485 3.53 21.93 -38.33
CA GLU B 485 2.28 22.67 -38.28
C GLU B 485 1.19 21.78 -37.71
N PHE B 486 1.25 20.50 -38.06
CA PHE B 486 0.27 19.54 -37.58
C PHE B 486 0.36 19.46 -36.06
N TYR B 487 1.55 19.17 -35.59
CA TYR B 487 1.82 19.07 -34.16
C TYR B 487 1.16 20.29 -33.52
N LYS B 488 1.55 21.45 -33.99
CA LYS B 488 1.03 22.70 -33.47
C LYS B 488 -0.48 22.67 -33.26
N GLU B 489 -1.27 22.55 -34.33
CA GLU B 489 -2.72 22.55 -34.20
C GLU B 489 -3.28 21.62 -33.13
N LEU B 490 -2.60 20.51 -32.88
CA LEU B 490 -3.05 19.56 -31.87
C LEU B 490 -2.87 20.16 -30.48
N ILE B 491 -1.67 20.68 -30.22
CA ILE B 491 -1.36 21.32 -28.94
C ILE B 491 -2.39 22.41 -28.66
N ARG B 492 -2.74 23.15 -29.71
CA ARG B 492 -3.71 24.23 -29.63
C ARG B 492 -5.09 23.74 -29.23
N LEU B 493 -5.47 22.58 -29.74
CA LEU B 493 -6.77 22.02 -29.44
C LEU B 493 -6.77 21.46 -28.04
N ARG B 494 -5.72 20.71 -27.71
CA ARG B 494 -5.59 20.11 -26.39
C ARG B 494 -5.67 21.18 -25.32
N HIS B 495 -5.26 22.39 -25.68
CA HIS B 495 -5.33 23.50 -24.74
C HIS B 495 -6.73 24.14 -24.73
N ARG B 496 -7.49 24.00 -25.82
CA ARG B 496 -8.83 24.60 -25.90
C ARG B 496 -9.95 23.71 -25.35
N LEU B 497 -9.70 22.41 -25.16
CA LEU B 497 -10.76 21.52 -24.66
C LEU B 497 -10.46 20.86 -23.31
N ALA B 498 -10.97 21.48 -22.26
CA ALA B 498 -10.75 21.02 -20.89
C ALA B 498 -10.80 19.51 -20.75
N SER B 499 -11.65 18.87 -21.55
CA SER B 499 -11.77 17.42 -21.47
C SER B 499 -10.54 16.66 -22.01
N LEU B 500 -9.74 17.32 -22.84
CA LEU B 500 -8.55 16.68 -23.38
C LEU B 500 -7.40 16.61 -22.38
N THR B 501 -7.48 17.40 -21.32
CA THR B 501 -6.44 17.40 -20.30
C THR B 501 -6.99 17.02 -18.94
N ARG B 502 -8.19 17.50 -18.62
CA ARG B 502 -8.78 17.21 -17.32
C ARG B 502 -9.92 16.21 -17.36
N GLY B 503 -10.20 15.65 -18.54
CA GLY B 503 -11.28 14.69 -18.67
C GLY B 503 -10.87 13.24 -18.52
N ASN B 504 -11.84 12.36 -18.49
CA ASN B 504 -11.53 10.95 -18.35
C ASN B 504 -11.56 10.34 -19.72
N VAL B 505 -11.50 9.00 -19.74
CA VAL B 505 -11.53 8.22 -20.98
C VAL B 505 -12.52 7.10 -20.82
N ARG B 506 -13.21 6.81 -21.92
CA ARG B 506 -14.19 5.74 -22.02
C ARG B 506 -14.06 5.26 -23.46
N SER B 507 -13.90 3.96 -23.67
CA SER B 507 -13.81 3.44 -25.03
C SER B 507 -15.16 3.57 -25.71
N TRP B 508 -15.14 3.95 -26.98
CA TRP B 508 -16.33 4.20 -27.76
C TRP B 508 -16.68 3.10 -28.76
N HIS B 509 -15.65 2.54 -29.39
CA HIS B 509 -15.90 1.53 -30.40
C HIS B 509 -14.55 0.95 -30.81
N ALA B 510 -14.49 -0.36 -31.01
CA ALA B 510 -13.23 -1.01 -31.40
C ALA B 510 -13.46 -2.24 -32.28
N ASP B 511 -13.42 -2.05 -33.60
CA ASP B 511 -13.61 -3.14 -34.55
C ASP B 511 -12.36 -4.00 -34.73
N LYS B 512 -12.55 -5.31 -34.59
CA LYS B 512 -11.49 -6.32 -34.71
C LYS B 512 -10.85 -6.35 -36.09
N GLN B 513 -11.71 -6.37 -37.12
CA GLN B 513 -11.28 -6.42 -38.52
C GLN B 513 -10.89 -5.07 -39.07
N ALA B 514 -11.80 -4.09 -38.94
CA ALA B 514 -11.61 -2.74 -39.43
C ALA B 514 -10.42 -2.00 -38.80
N ASN B 515 -10.00 -2.43 -37.61
CA ASN B 515 -8.89 -1.80 -36.90
C ASN B 515 -9.28 -0.35 -36.66
N LEU B 516 -10.53 -0.17 -36.27
CA LEU B 516 -11.07 1.15 -36.01
C LEU B 516 -11.31 1.35 -34.51
N TYR B 517 -10.53 2.24 -33.89
CA TYR B 517 -10.66 2.53 -32.45
C TYR B 517 -11.07 3.98 -32.16
N ALA B 518 -12.02 4.15 -31.26
CA ALA B 518 -12.50 5.49 -30.91
C ALA B 518 -12.77 5.60 -29.42
N PHE B 519 -12.32 6.70 -28.81
CA PHE B 519 -12.54 6.93 -27.38
C PHE B 519 -13.19 8.28 -27.13
N VAL B 520 -13.60 8.52 -25.89
CA VAL B 520 -14.28 9.77 -25.51
C VAL B 520 -13.82 10.42 -24.20
N ARG B 521 -13.36 11.67 -24.31
CA ARG B 521 -12.90 12.46 -23.15
C ARG B 521 -14.03 13.34 -22.63
N THR B 522 -14.30 13.24 -21.33
CA THR B 522 -15.40 14.00 -20.73
C THR B 522 -15.11 14.77 -19.44
N VAL B 523 -15.58 16.01 -19.44
CA VAL B 523 -15.47 16.94 -18.32
C VAL B 523 -16.76 17.76 -18.40
N GLN B 524 -17.47 17.87 -17.29
CA GLN B 524 -18.72 18.61 -17.28
C GLN B 524 -19.62 18.01 -18.37
N ASP B 525 -20.29 18.86 -19.12
CA ASP B 525 -21.19 18.40 -20.18
C ASP B 525 -20.43 18.30 -21.49
N GLN B 526 -19.13 18.51 -21.43
CA GLN B 526 -18.30 18.42 -22.62
C GLN B 526 -17.90 17.00 -23.01
N HIS B 527 -17.95 16.73 -24.31
CA HIS B 527 -17.60 15.44 -24.85
C HIS B 527 -16.79 15.63 -26.11
N VAL B 528 -15.60 15.04 -26.14
CA VAL B 528 -14.74 15.10 -27.32
C VAL B 528 -14.52 13.64 -27.67
N GLY B 529 -14.98 13.24 -28.84
CA GLY B 529 -14.81 11.87 -29.26
C GLY B 529 -13.72 11.78 -30.32
N VAL B 530 -12.69 11.01 -30.02
CA VAL B 530 -11.59 10.84 -30.96
C VAL B 530 -11.74 9.51 -31.69
N VAL B 531 -11.89 9.59 -33.00
CA VAL B 531 -12.06 8.40 -33.83
C VAL B 531 -10.78 8.12 -34.61
N LEU B 532 -10.26 6.91 -34.46
CA LEU B 532 -9.03 6.55 -35.15
C LEU B 532 -9.22 5.45 -36.22
N ASN B 533 -8.84 5.77 -37.46
CA ASN B 533 -8.94 4.82 -38.58
C ASN B 533 -7.54 4.36 -38.94
N ASN B 534 -6.96 3.53 -38.07
CA ASN B 534 -5.61 3.02 -38.29
C ASN B 534 -5.64 1.87 -39.30
N ARG B 535 -5.90 2.22 -40.56
CA ARG B 535 -5.98 1.23 -41.63
C ARG B 535 -5.67 1.88 -42.97
N GLY B 536 -5.06 1.13 -43.86
CA GLY B 536 -4.73 1.65 -45.17
C GLY B 536 -5.87 1.71 -46.18
N GLU B 537 -6.94 2.43 -45.84
CA GLU B 537 -8.06 2.60 -46.76
C GLU B 537 -9.30 3.23 -46.15
N LYS B 538 -9.98 4.04 -46.95
CA LYS B 538 -11.19 4.71 -46.52
C LYS B 538 -12.16 3.68 -45.96
N GLN B 539 -12.99 4.12 -45.00
CA GLN B 539 -13.99 3.26 -44.36
C GLN B 539 -15.15 4.09 -43.80
N THR B 540 -16.18 3.40 -43.35
CA THR B 540 -17.36 4.04 -42.76
C THR B 540 -17.77 3.29 -41.49
N VAL B 541 -18.14 4.03 -40.45
CA VAL B 541 -18.58 3.43 -39.20
C VAL B 541 -19.83 4.14 -38.68
N LEU B 542 -20.63 3.40 -37.92
CA LEU B 542 -21.86 3.95 -37.37
C LEU B 542 -21.81 3.84 -35.86
N LEU B 543 -21.26 4.86 -35.22
CA LEU B 543 -21.14 4.88 -33.76
C LEU B 543 -22.46 5.17 -33.05
N GLN B 544 -22.58 4.61 -31.85
CA GLN B 544 -23.78 4.77 -31.04
C GLN B 544 -23.67 5.93 -30.06
N VAL B 545 -24.36 7.02 -30.36
CA VAL B 545 -24.31 8.18 -29.47
C VAL B 545 -25.69 8.66 -29.09
N PRO B 546 -26.18 8.26 -27.91
CA PRO B 546 -27.51 8.66 -27.44
C PRO B 546 -27.65 10.18 -27.37
N GLU B 547 -28.89 10.65 -27.28
CA GLU B 547 -29.17 12.07 -27.20
C GLU B 547 -28.47 12.63 -25.97
N SER B 548 -28.56 11.89 -24.87
CA SER B 548 -27.95 12.30 -23.61
C SER B 548 -26.42 12.32 -23.76
N GLY B 549 -25.91 13.42 -24.30
CA GLY B 549 -24.49 13.58 -24.52
C GLY B 549 -24.28 14.55 -25.67
N GLY B 550 -25.29 14.63 -26.54
CA GLY B 550 -25.22 15.51 -27.68
C GLY B 550 -25.90 14.93 -28.91
N LYS B 551 -26.38 15.82 -29.77
CA LYS B 551 -27.05 15.42 -30.99
C LYS B 551 -26.15 15.75 -32.17
N THR B 552 -25.45 16.87 -32.07
CA THR B 552 -24.56 17.31 -33.14
C THR B 552 -23.10 17.39 -32.71
N TRP B 553 -22.20 17.33 -33.68
CA TRP B 553 -20.76 17.38 -33.44
C TRP B 553 -20.00 18.01 -34.60
N LEU B 554 -18.86 18.62 -34.30
CA LEU B 554 -18.04 19.27 -35.31
C LEU B 554 -16.66 18.63 -35.29
N ASP B 555 -16.02 18.50 -36.46
CA ASP B 555 -14.68 17.91 -36.50
C ASP B 555 -13.68 19.04 -36.39
N CYS B 556 -13.11 19.18 -35.20
CA CYS B 556 -12.14 20.23 -34.95
C CYS B 556 -10.98 20.26 -35.92
N LEU B 557 -10.66 19.11 -36.52
CA LEU B 557 -9.54 19.04 -37.45
C LEU B 557 -9.81 19.41 -38.89
N THR B 558 -11.08 19.31 -39.29
CA THR B 558 -11.47 19.60 -40.67
C THR B 558 -12.42 20.79 -40.80
N GLY B 559 -13.31 20.94 -39.82
CA GLY B 559 -14.26 22.04 -39.84
C GLY B 559 -15.65 21.56 -40.21
N GLU B 560 -15.73 20.27 -40.50
CA GLU B 560 -16.96 19.60 -40.92
C GLU B 560 -17.84 19.15 -39.76
N GLU B 561 -19.15 19.23 -39.97
CA GLU B 561 -20.16 18.83 -38.97
C GLU B 561 -20.74 17.44 -39.28
N VAL B 562 -20.74 16.57 -38.29
CA VAL B 562 -21.33 15.27 -38.45
C VAL B 562 -22.65 15.39 -37.70
N HIS B 563 -23.73 14.90 -38.30
CA HIS B 563 -25.04 14.99 -37.68
C HIS B 563 -25.59 13.67 -37.19
N GLY B 564 -26.14 13.69 -35.99
CA GLY B 564 -26.69 12.47 -35.41
C GLY B 564 -28.12 12.21 -35.80
N LYS B 565 -28.38 11.00 -36.30
CA LYS B 565 -29.72 10.60 -36.68
C LYS B 565 -30.14 9.48 -35.74
N GLN B 566 -31.08 9.79 -34.85
CA GLN B 566 -31.59 8.81 -33.90
C GLN B 566 -30.48 8.17 -33.09
N GLY B 567 -29.57 8.99 -32.57
CA GLY B 567 -28.47 8.48 -31.76
C GLY B 567 -27.34 7.72 -32.45
N GLN B 568 -27.06 8.05 -33.71
CA GLN B 568 -25.99 7.38 -34.44
C GLN B 568 -25.22 8.34 -35.35
N LEU B 569 -23.95 8.05 -35.57
CA LEU B 569 -23.09 8.87 -36.42
C LEU B 569 -22.48 8.07 -37.56
N LYS B 570 -22.86 8.39 -38.79
CA LYS B 570 -22.29 7.69 -39.92
C LYS B 570 -21.03 8.47 -40.26
N LEU B 571 -19.89 7.98 -39.83
CA LEU B 571 -18.64 8.67 -40.12
C LEU B 571 -17.86 7.92 -41.19
N THR B 572 -17.07 8.65 -41.95
CA THR B 572 -16.25 8.07 -43.01
C THR B 572 -14.86 8.67 -42.91
N LEU B 573 -13.84 7.82 -42.99
CA LEU B 573 -12.48 8.30 -42.85
C LEU B 573 -11.58 7.86 -44.00
N ARG B 574 -10.70 8.76 -44.44
CA ARG B 574 -9.75 8.42 -45.50
C ARG B 574 -8.76 7.47 -44.83
N PRO B 575 -7.81 6.90 -45.59
CA PRO B 575 -6.84 5.98 -44.98
C PRO B 575 -6.05 6.62 -43.84
N TYR B 576 -6.09 6.01 -42.66
CA TYR B 576 -5.34 6.53 -41.51
C TYR B 576 -5.77 7.92 -41.05
N GLN B 577 -7.07 8.16 -40.90
CA GLN B 577 -7.54 9.49 -40.49
C GLN B 577 -8.14 9.69 -39.09
N GLY B 578 -7.43 10.46 -38.26
CA GLY B 578 -7.93 10.75 -36.93
C GLY B 578 -8.95 11.86 -37.04
N MET B 579 -10.04 11.74 -36.29
CA MET B 579 -11.12 12.72 -36.32
C MET B 579 -11.49 13.11 -34.89
N ILE B 580 -11.45 14.41 -34.60
CA ILE B 580 -11.77 14.95 -33.27
C ILE B 580 -13.14 15.64 -33.19
N LEU B 581 -14.19 14.84 -32.98
CA LEU B 581 -15.57 15.34 -32.91
C LEU B 581 -15.91 16.00 -31.59
N TRP B 582 -16.21 17.30 -31.63
CA TRP B 582 -16.50 18.03 -30.42
C TRP B 582 -17.97 18.43 -30.27
N ASN B 583 -18.56 17.97 -29.16
CA ASN B 583 -19.98 18.21 -28.84
C ASN B 583 -20.42 19.65 -28.75
N GLY B 584 -19.47 20.58 -28.60
CA GLY B 584 -19.85 21.98 -28.51
C GLY B 584 -19.94 22.61 -27.14
N ARG B 585 -20.03 21.79 -26.10
CA ARG B 585 -20.11 22.33 -24.74
C ARG B 585 -18.84 22.08 -23.93
C1 GLC C . -19.42 -0.48 15.12
C2 GLC C . -18.40 -1.61 15.28
C3 GLC C . -17.67 -1.41 16.61
C4 GLC C . -16.95 -0.07 16.54
C5 GLC C . -17.95 1.07 16.25
C6 GLC C . -17.27 2.39 15.99
O2 GLC C . -19.04 -2.86 15.26
O3 GLC C . -16.75 -2.45 16.85
O4 GLC C . -16.24 0.16 17.78
O5 GLC C . -18.74 0.77 15.07
O6 GLC C . -16.98 2.55 14.60
C1 GLC C . -14.91 0.57 17.63
C2 GLC C . -13.96 -0.45 18.27
C3 GLC C . -14.03 -0.38 19.80
C4 GLC C . -13.78 1.06 20.27
C5 GLC C . -14.81 1.98 19.58
C6 GLC C . -14.66 3.44 19.94
O2 GLC C . -14.27 -1.77 17.85
O3 GLC C . -13.07 -1.26 20.37
O4 GLC C . -13.90 1.15 21.69
O5 GLC C . -14.67 1.88 18.15
O6 GLC C . -15.68 4.23 19.36
C1 GLC C . -12.89 1.87 22.34
C2 GLC C . -12.68 1.32 23.75
C3 GLC C . -13.95 1.56 24.58
C4 GLC C . -14.28 3.06 24.60
C5 GLC C . -14.37 3.59 23.17
C6 GLC C . -14.57 5.10 23.09
O2 GLC C . -12.41 -0.08 23.68
O3 GLC C . -13.75 1.08 25.91
O4 GLC C . -15.55 3.24 25.27
O5 GLC C . -13.17 3.27 22.43
O6 GLC C . -13.74 5.78 24.03
C1 GLC C . -15.55 4.13 26.34
C2 GLC C . -15.96 3.40 27.62
C3 GLC C . -17.39 2.88 27.48
C4 GLC C . -18.36 4.02 27.11
C5 GLC C . -17.82 4.86 25.93
C6 GLC C . -18.58 6.17 25.76
O2 GLC C . -15.09 2.31 27.86
O3 GLC C . -17.80 2.29 28.70
O4 GLC C . -19.61 3.42 26.73
O5 GLC C . -16.43 5.22 26.13
O6 GLC C . -17.71 7.29 25.81
C1 GLC C . -20.74 3.79 27.50
C2 GLC C . -21.26 2.57 28.28
C3 GLC C . -21.94 1.57 27.34
C4 GLC C . -23.03 2.27 26.53
C5 GLC C . -22.40 3.45 25.77
C6 GLC C . -23.41 4.24 24.96
O2 GLC C . -20.18 1.94 28.96
O3 GLC C . -22.51 0.50 28.08
O4 GLC C . -23.60 1.33 25.59
O5 GLC C . -21.78 4.36 26.70
O6 GLC C . -24.71 4.15 25.52
C1 GLC C . -24.95 1.00 25.82
C2 GLC C . -25.09 -0.51 26.04
C3 GLC C . -24.79 -1.27 24.73
C4 GLC C . -25.65 -0.74 23.58
C5 GLC C . -25.51 0.80 23.47
C6 GLC C . -26.43 1.44 22.43
O2 GLC C . -24.19 -0.93 27.05
O3 GLC C . -25.03 -2.66 24.91
O4 GLC C . -25.22 -1.38 22.35
O5 GLC C . -25.80 1.42 24.75
O6 GLC C . -26.07 2.79 22.18
C1 GLC C . -26.15 -2.23 21.73
C2 GLC C . -25.45 -3.48 21.19
C3 GLC C . -24.48 -3.07 20.06
C4 GLC C . -25.15 -2.17 19.01
C5 GLC C . -26.03 -1.06 19.63
C6 GLC C . -26.94 -0.41 18.60
O2 GLC C . -24.74 -4.14 22.23
O3 GLC C . -23.99 -4.25 19.42
O4 GLC C . -24.12 -1.54 18.22
O5 GLC C . -26.87 -1.58 20.68
O6 GLC C . -26.55 0.92 18.31
C1 GLC C . -24.33 -1.54 16.84
C2 GLC C . -23.47 -2.64 16.23
C3 GLC C . -21.98 -2.29 16.33
C4 GLC C . -21.69 -0.87 15.81
C5 GLC C . -22.65 0.14 16.45
C6 GLC C . -22.53 1.55 15.90
O2 GLC C . -23.68 -3.86 16.93
O3 GLC C . -21.23 -3.24 15.56
O4 GLC C . -20.35 -0.52 16.16
O5 GLC C . -24.02 -0.28 16.25
O6 GLC C . -23.36 1.74 14.76
C1 GLC D . 18.82 4.87 -17.69
C2 GLC D . 19.00 5.71 -18.96
C3 GLC D . 20.22 5.20 -19.73
C4 GLC D . 21.48 5.15 -18.84
C5 GLC D . 21.20 4.51 -17.47
C6 GLC D . 22.31 4.74 -16.46
O2 GLC D . 17.84 5.61 -19.76
O3 GLC D . 20.46 6.04 -20.86
O4 GLC D . 22.49 4.38 -19.52
O5 GLC D . 19.99 5.03 -16.88
O6 GLC D . 21.87 4.58 -15.12
C1 GLC D . 23.75 4.98 -19.69
C2 GLC D . 23.77 5.85 -20.95
C3 GLC D . 23.61 4.97 -22.21
C4 GLC D . 24.66 3.84 -22.22
C5 GLC D . 24.72 3.09 -20.88
C6 GLC D . 25.93 2.18 -20.79
O2 GLC D . 22.73 6.83 -20.90
O3 GLC D . 23.76 5.78 -23.37
O4 GLC D . 24.32 2.91 -23.28
O5 GLC D . 24.81 4.02 -19.76
O6 GLC D . 27.10 2.80 -21.30
C1 GLC D . 25.38 2.53 -24.11
C2 GLC D . 25.02 2.81 -25.59
C3 GLC D . 24.00 1.79 -26.12
C4 GLC D . 24.44 0.36 -25.84
C5 GLC D . 24.77 0.20 -24.34
C6 GLC D . 25.34 -1.17 -24.00
O2 GLC D . 24.51 4.13 -25.72
O3 GLC D . 23.84 1.97 -27.52
O4 GLC D . 23.39 -0.55 -26.22
O5 GLC D . 25.76 1.16 -23.94
O6 GLC D . 26.66 -1.08 -23.49
C1 GLC D . 23.46 -1.07 -27.53
C2 GLC D . 22.15 -0.83 -28.26
C3 GLC D . 21.01 -1.66 -27.65
C4 GLC D . 21.40 -3.16 -27.55
C5 GLC D . 22.80 -3.32 -26.90
C6 GLC D . 23.31 -4.75 -27.00
O2 GLC D . 21.82 0.55 -28.18
O3 GLC D . 19.84 -1.55 -28.45
O4 GLC D . 20.40 -3.84 -26.75
O5 GLC D . 23.77 -2.47 -27.55
O6 GLC D . 24.69 -4.84 -26.65
C1 GLC D . 20.11 -5.17 -27.10
C2 GLC D . 18.60 -5.38 -27.27
C3 GLC D . 17.88 -5.46 -25.92
C4 GLC D . 18.57 -6.42 -24.95
C5 GLC D . 20.08 -6.13 -24.86
C6 GLC D . 20.82 -7.18 -24.03
O2 GLC D . 18.04 -4.33 -28.04
O3 GLC D . 16.54 -5.90 -26.14
O4 GLC D . 18.00 -6.27 -23.63
O5 GLC D . 20.68 -6.13 -26.19
O6 GLC D . 22.23 -7.13 -24.23
C1 GLC D . 17.43 -7.41 -23.04
C2 GLC D . 15.91 -7.27 -23.02
C3 GLC D . 15.51 -6.07 -22.15
C4 GLC D . 16.20 -6.07 -20.76
C5 GLC D . 17.69 -6.46 -20.83
C6 GLC D . 18.29 -6.82 -19.48
O2 GLC D . 15.42 -7.10 -24.34
O3 GLC D . 14.10 -6.07 -21.98
O4 GLC D . 16.11 -4.73 -20.23
O5 GLC D . 17.90 -7.61 -21.71
O6 GLC D . 17.33 -7.42 -18.62
C1 GLC D . 15.31 -4.54 -19.09
C2 GLC D . 14.17 -3.55 -19.42
C3 GLC D . 14.74 -2.13 -19.58
C4 GLC D . 15.52 -1.72 -18.33
C5 GLC D . 16.64 -2.75 -18.11
C6 GLC D . 17.48 -2.51 -16.87
O2 GLC D . 13.51 -3.94 -20.60
O3 GLC D . 13.68 -1.22 -19.81
O4 GLC D . 16.08 -0.40 -18.51
O5 GLC D . 16.07 -4.08 -17.97
O6 GLC D . 18.26 -3.65 -16.55
C1 GLC D . 15.56 0.61 -17.67
C2 GLC D . 15.22 1.87 -18.48
C3 GLC D . 16.45 2.73 -18.80
C4 GLC D . 17.36 2.93 -17.59
C5 GLC D . 17.65 1.57 -16.94
C6 GLC D . 18.48 1.69 -15.68
O2 GLC D . 14.61 1.50 -19.70
O3 GLC D . 16.02 4.00 -19.26
O4 GLC D . 18.60 3.52 -18.02
O5 GLC D . 16.41 0.92 -16.57
O6 GLC D . 18.97 0.42 -15.25
CA CA E . -7.88 2.70 45.61
CA CA F . 28.75 22.95 -27.38
#